data_3DEC
#
_entry.id   3DEC
#
_cell.length_a   80.063
_cell.length_b   211.075
_cell.length_c   71.085
_cell.angle_alpha   90.00
_cell.angle_beta   90.00
_cell.angle_gamma   90.00
#
_symmetry.space_group_name_H-M   'P 21 21 2'
#
loop_
_entity.id
_entity.type
_entity.pdbx_description
1 polymer Beta-galactosidase
2 non-polymer 'POTASSIUM ION'
3 water water
#
_entity_poly.entity_id   1
_entity_poly.type   'polypeptide(L)'
_entity_poly.pdbx_seq_one_letter_code
;SLQQPEWQSQYAVGLNKLDPHTYVWPYADASEVEKGTFEQSPYY(MSE)SLNGQWKFHWVKNPDTRPKDFYKPSYYTGGW
ADIKVPGNWERQGYGTAIYVNETYEFDDK(MSE)FNFKKNPPLVPYKENEVGSYRRTFKVPAGWEGRRVVLCCEGVISFY
YVWVNGEFLGYNQGSKTAAEWDITDKLTDGENTIALEVYRWSSGAYLECQD(MSE)WRLSGIERDVYLYSTPEQYIADYK
VTSLLEKEHYKEGIFELEVAVGGTASGTSSIAYTLKDASDKTVLEGSRKLESHGSGNLIVFDEQRLPDVRRWNAEHPELY
TLLLELKDAGGKVTEITGTKVGFRTSEIKNGRFCINGVPVLVKGVNRHEHSQLGRTVSKEL(MSE)EQDIRL(MSE)KQH
NINTVRNSHYPAHPYWYQLCDRYGLYVIDEANIESHG(MSE)GYGPASLAKDSTWLPAHIDRTRR(MSE)YERSKNHPSV
VIWSLGNEAGNGINFERTYDWLKSVEKNRPVQYERAEENYNTDIYCR(MSE)YRSVDVIRNYVVRKDIYRPFILCEYLHA
(MSE)GNSCGG(MSE)KEYWEVFENEP(MSE)AQGGCIWDWVDQSFREVDKDGKWYWTYGGDYGPKDVPSFGNFCCNGLV
NAVREPHPHLLEVKKIYQNIKSTLIDKKNLTVRVKNWFDFSDLNEYILHWKVTGDDGTVLAEGNKEVACEPHATVELTLG
AVQLPKTIREAYLDLGWTRKKSTPLVDTAWEIAYDQFVLPASGKVWNGKPSEAGKTTFEVDENTGALKSLCLDGEELLAS
PVTISLFRPATDNDNRDR(MSE)GAKLWRKAGLHTLTQKVVSLKESKTSATAQVNILNVTGKKVGDATLEYTLNHNGSLK
VQTTFQPDTTWVKSIARLGLTFE(MSE)NDTYGNVTYLGRGEHETYIDRNQSGKIGIYTTTPEK(MSE)FHYYVIPQSTG
NRTDVRWVKLADDSGKGCWIESDSPFQFSALPFSDLLLEKALHINDLERNGRITVHLDAKQAGVGTATCGPGVLPPYLVP
LGKQTFTFTIYPVKEG
;
_entity_poly.pdbx_strand_id   A
#
# COMPACT_ATOMS: atom_id res chain seq x y z
N GLN A 4 -33.66 21.87 0.49
CA GLN A 4 -34.63 22.02 -0.63
C GLN A 4 -34.35 21.25 -1.97
N PRO A 5 -33.17 21.42 -2.59
CA PRO A 5 -32.95 20.73 -3.88
C PRO A 5 -32.54 19.26 -3.70
N GLU A 6 -32.53 18.49 -4.77
CA GLU A 6 -32.33 17.03 -4.71
C GLU A 6 -31.12 16.56 -3.93
N TRP A 7 -30.01 17.28 -4.03
CA TRP A 7 -28.77 16.84 -3.42
C TRP A 7 -28.74 17.11 -1.91
N GLN A 8 -29.86 17.60 -1.37
CA GLN A 8 -30.04 17.77 0.06
C GLN A 8 -30.88 16.62 0.61
N SER A 9 -31.14 15.62 -0.22
CA SER A 9 -31.91 14.48 0.26
C SER A 9 -31.18 13.13 0.14
N GLN A 10 -31.35 12.28 1.14
CA GLN A 10 -30.61 11.04 1.13
C GLN A 10 -31.36 10.02 0.31
N TYR A 11 -32.58 10.37 -0.10
CA TYR A 11 -33.36 9.48 -0.96
C TYR A 11 -33.14 9.67 -2.47
N ALA A 12 -32.78 10.90 -2.86
CA ALA A 12 -32.52 11.29 -4.24
C ALA A 12 -31.26 10.65 -4.84
N VAL A 13 -31.24 9.34 -4.93
CA VAL A 13 -30.01 8.64 -5.27
C VAL A 13 -29.88 8.43 -6.77
N GLY A 14 -30.99 8.62 -7.48
CA GLY A 14 -31.02 8.46 -8.93
C GLY A 14 -32.41 8.77 -9.49
N LEU A 15 -32.47 8.87 -10.82
CA LEU A 15 -33.72 9.05 -11.58
C LEU A 15 -33.50 8.65 -13.02
N ASN A 16 -34.30 7.72 -13.54
CA ASN A 16 -34.25 7.30 -14.94
C ASN A 16 -33.02 6.51 -15.35
N LYS A 17 -32.14 6.19 -14.39
CA LYS A 17 -30.99 5.36 -14.67
C LYS A 17 -31.40 3.97 -15.09
N LEU A 18 -30.58 3.29 -15.88
CA LEU A 18 -30.75 1.84 -16.03
C LEU A 18 -30.48 1.08 -14.71
N ASP A 19 -31.11 -0.09 -14.57
CA ASP A 19 -30.78 -0.97 -13.44
C ASP A 19 -29.30 -1.34 -13.48
N PRO A 20 -28.62 -1.31 -12.32
CA PRO A 20 -27.18 -1.63 -12.28
C PRO A 20 -26.97 -3.03 -12.84
N HIS A 21 -25.87 -3.26 -13.57
CA HIS A 21 -25.73 -4.60 -14.19
C HIS A 21 -24.28 -4.87 -14.44
N THR A 22 -23.99 -5.97 -15.13
CA THR A 22 -22.61 -6.21 -15.48
C THR A 22 -22.33 -5.46 -16.76
N TYR A 23 -21.06 -5.18 -17.00
CA TYR A 23 -20.67 -4.41 -18.18
C TYR A 23 -20.95 -5.26 -19.41
N VAL A 24 -21.77 -4.73 -20.31
CA VAL A 24 -22.13 -5.49 -21.52
C VAL A 24 -21.78 -4.74 -22.82
N TRP A 25 -20.56 -4.21 -22.84
CA TRP A 25 -20.05 -3.50 -23.98
C TRP A 25 -20.17 -4.33 -25.23
N PRO A 26 -20.71 -3.71 -26.28
CA PRO A 26 -20.77 -4.38 -27.55
C PRO A 26 -19.41 -4.29 -28.26
N TYR A 27 -18.87 -5.46 -28.61
CA TYR A 27 -17.61 -5.56 -29.32
C TYR A 27 -17.86 -5.79 -30.81
N ALA A 28 -16.82 -5.71 -31.64
CA ALA A 28 -16.97 -5.95 -33.07
C ALA A 28 -16.71 -7.41 -33.48
N ASP A 29 -16.09 -8.17 -32.58
CA ASP A 29 -15.28 -9.29 -33.00
C ASP A 29 -14.98 -10.19 -31.78
N ALA A 30 -15.28 -11.49 -31.89
CA ALA A 30 -14.86 -12.42 -30.83
C ALA A 30 -13.40 -12.23 -30.45
N SER A 31 -12.57 -11.88 -31.42
CA SER A 31 -11.17 -11.71 -31.11
C SER A 31 -10.91 -10.50 -30.22
N GLU A 32 -11.75 -9.47 -30.38
CA GLU A 32 -11.74 -8.31 -29.51
C GLU A 32 -12.16 -8.77 -28.10
N VAL A 33 -13.15 -9.64 -27.99
CA VAL A 33 -13.69 -10.06 -26.68
C VAL A 33 -12.66 -10.72 -25.78
N GLU A 34 -11.79 -11.53 -26.37
CA GLU A 34 -10.72 -12.18 -25.63
C GLU A 34 -9.74 -11.19 -25.07
N LYS A 35 -9.42 -10.13 -25.82
CA LYS A 35 -8.52 -9.11 -25.29
C LYS A 35 -9.17 -8.14 -24.30
N GLY A 36 -10.50 -8.14 -24.22
CA GLY A 36 -11.21 -7.18 -23.34
C GLY A 36 -11.06 -5.75 -23.84
N THR A 37 -10.73 -5.63 -25.11
CA THR A 37 -10.36 -4.41 -25.78
C THR A 37 -11.56 -3.57 -26.29
N PHE A 38 -12.50 -3.27 -25.40
CA PHE A 38 -13.79 -2.74 -25.85
C PHE A 38 -13.78 -1.29 -26.27
N GLU A 39 -12.75 -0.58 -25.84
CA GLU A 39 -12.66 0.83 -26.17
C GLU A 39 -12.34 1.06 -27.66
N GLN A 40 -11.98 0.01 -28.40
CA GLN A 40 -11.61 0.19 -29.82
C GLN A 40 -12.73 -0.33 -30.73
N SER A 41 -13.84 -0.67 -30.07
CA SER A 41 -15.05 -1.16 -30.74
C SER A 41 -15.70 -0.03 -31.53
N PRO A 42 -16.32 -0.36 -32.68
CA PRO A 42 -17.02 0.66 -33.48
C PRO A 42 -18.32 1.09 -32.82
N TYR A 43 -18.75 0.30 -31.83
CA TYR A 43 -19.98 0.55 -31.09
C TYR A 43 -19.73 1.25 -29.73
N TYR A 44 -18.49 1.72 -29.54
CA TYR A 44 -18.10 2.45 -28.36
C TYR A 44 -17.57 3.82 -28.74
N SER A 46 -15.73 7.25 -26.69
CA SER A 46 -15.37 7.99 -25.51
C SER A 46 -15.88 9.41 -25.61
N LEU A 47 -16.27 9.99 -24.48
CA LEU A 47 -16.49 11.42 -24.38
C LEU A 47 -15.38 12.07 -23.56
N ASN A 48 -14.31 11.35 -23.30
CA ASN A 48 -13.19 11.95 -22.55
C ASN A 48 -12.47 12.92 -23.45
N GLY A 49 -11.75 13.87 -22.87
CA GLY A 49 -11.16 14.93 -23.66
C GLY A 49 -11.38 16.24 -22.95
N GLN A 50 -11.26 17.34 -23.68
CA GLN A 50 -11.44 18.68 -23.15
C GLN A 50 -12.93 19.10 -23.16
N TRP A 51 -13.42 19.64 -22.06
CA TRP A 51 -14.81 20.05 -21.94
C TRP A 51 -14.87 21.50 -21.49
N LYS A 52 -15.94 22.20 -21.83
CA LYS A 52 -16.11 23.56 -21.34
C LYS A 52 -16.42 23.44 -19.87
N PHE A 53 -15.86 24.34 -19.08
CA PHE A 53 -16.02 24.20 -17.66
C PHE A 53 -16.24 25.53 -16.99
N HIS A 54 -16.98 25.49 -15.91
CA HIS A 54 -17.32 26.68 -15.17
C HIS A 54 -17.47 26.28 -13.71
N TRP A 55 -17.00 27.16 -12.83
CA TRP A 55 -16.95 26.88 -11.40
C TRP A 55 -17.50 28.05 -10.61
N VAL A 56 -18.41 27.78 -9.66
CA VAL A 56 -18.76 28.80 -8.67
C VAL A 56 -18.81 28.23 -7.27
N LYS A 57 -18.56 29.11 -6.31
CA LYS A 57 -18.95 28.86 -4.93
C LYS A 57 -20.36 29.49 -4.78
N ASN A 58 -21.36 28.68 -4.41
CA ASN A 58 -22.74 29.14 -4.23
C ASN A 58 -23.63 28.86 -5.44
N PRO A 59 -24.37 27.76 -5.37
CA PRO A 59 -25.28 27.32 -6.40
C PRO A 59 -26.27 28.38 -6.93
N ASP A 60 -26.50 29.45 -6.19
CA ASP A 60 -27.35 30.54 -6.72
C ASP A 60 -26.66 31.37 -7.80
N THR A 61 -25.34 31.42 -7.75
CA THR A 61 -24.58 32.26 -8.63
C THR A 61 -24.15 31.48 -9.85
N ARG A 62 -24.70 30.28 -10.06
CA ARG A 62 -24.26 29.45 -11.18
C ARG A 62 -24.98 29.85 -12.46
N PRO A 63 -24.37 29.53 -13.62
CA PRO A 63 -25.07 29.71 -14.89
C PRO A 63 -26.20 28.69 -15.10
N LYS A 64 -27.40 28.96 -14.56
CA LYS A 64 -28.46 27.92 -14.57
C LYS A 64 -28.79 27.35 -15.92
N ASP A 65 -28.59 28.07 -17.00
CA ASP A 65 -29.13 27.60 -18.26
C ASP A 65 -28.09 27.01 -19.16
N PHE A 66 -26.89 26.83 -18.66
CA PHE A 66 -25.77 26.30 -19.46
C PHE A 66 -26.07 25.01 -20.20
N TYR A 67 -27.11 24.29 -19.77
CA TYR A 67 -27.46 23.01 -20.38
C TYR A 67 -28.29 23.11 -21.64
N LYS A 68 -28.79 24.30 -21.96
CA LYS A 68 -29.56 24.42 -23.18
C LYS A 68 -28.62 24.59 -24.35
N PRO A 69 -28.89 23.87 -25.43
CA PRO A 69 -27.99 24.02 -26.59
C PRO A 69 -27.78 25.48 -26.98
N SER A 70 -28.81 26.29 -26.90
CA SER A 70 -28.67 27.72 -27.15
C SER A 70 -27.78 28.55 -26.17
N TYR A 71 -27.45 28.02 -25.00
CA TYR A 71 -26.66 28.82 -24.04
C TYR A 71 -25.22 28.88 -24.52
N TYR A 72 -24.67 30.07 -24.62
CA TYR A 72 -23.35 30.14 -25.21
C TYR A 72 -22.21 30.03 -24.16
N THR A 73 -21.32 29.06 -24.36
CA THR A 73 -20.20 28.77 -23.46
C THR A 73 -18.82 28.96 -24.10
N GLY A 74 -18.73 29.82 -25.10
CA GLY A 74 -17.49 30.01 -25.86
C GLY A 74 -16.47 30.79 -25.06
N GLY A 75 -16.92 31.59 -24.11
CA GLY A 75 -15.99 32.37 -23.28
C GLY A 75 -15.68 31.67 -21.98
N TRP A 76 -15.90 30.37 -21.93
CA TRP A 76 -15.52 29.54 -20.83
C TRP A 76 -14.15 28.87 -21.10
N ALA A 77 -13.45 28.48 -20.04
CA ALA A 77 -12.22 27.70 -20.17
C ALA A 77 -12.52 26.24 -20.48
N ASP A 78 -11.48 25.47 -20.83
CA ASP A 78 -11.64 24.03 -20.91
C ASP A 78 -11.10 23.41 -19.63
N ILE A 79 -11.50 22.17 -19.37
CA ILE A 79 -11.00 21.39 -18.26
C ILE A 79 -10.89 19.98 -18.80
N LYS A 80 -9.90 19.24 -18.30
CA LYS A 80 -9.65 17.89 -18.73
C LYS A 80 -10.66 16.94 -18.07
N VAL A 81 -11.23 16.01 -18.83
CA VAL A 81 -12.12 15.01 -18.25
C VAL A 81 -11.59 13.65 -18.66
N PRO A 82 -11.44 12.73 -17.69
CA PRO A 82 -11.80 12.78 -16.26
C PRO A 82 -10.74 13.40 -15.40
N GLY A 83 -11.08 13.80 -14.19
CA GLY A 83 -10.06 14.32 -13.29
C GLY A 83 -10.58 15.34 -12.32
N ASN A 84 -10.35 15.13 -11.04
CA ASN A 84 -10.91 16.05 -10.06
C ASN A 84 -10.51 17.46 -10.38
N TRP A 85 -11.43 18.41 -10.21
CA TRP A 85 -11.11 19.77 -10.65
C TRP A 85 -10.15 20.48 -9.72
N GLU A 86 -10.04 19.99 -8.48
CA GLU A 86 -9.04 20.50 -7.54
C GLU A 86 -7.64 20.33 -8.10
N ARG A 87 -7.45 19.37 -8.98
CA ARG A 87 -6.11 19.19 -9.54
C ARG A 87 -5.96 19.81 -10.94
N GLN A 88 -6.87 20.71 -11.28
CA GLN A 88 -6.75 21.49 -12.47
C GLN A 88 -7.02 22.93 -12.17
N GLY A 89 -6.69 23.41 -10.96
CA GLY A 89 -6.69 24.85 -10.66
C GLY A 89 -7.95 25.43 -10.05
N TYR A 90 -8.92 24.57 -9.83
CA TYR A 90 -10.20 25.02 -9.25
C TYR A 90 -10.44 24.64 -7.78
N GLY A 91 -10.96 25.58 -7.02
CA GLY A 91 -11.46 25.26 -5.70
C GLY A 91 -10.35 24.81 -4.81
N THR A 92 -10.68 24.04 -3.77
CA THR A 92 -9.70 23.63 -2.76
C THR A 92 -9.71 22.13 -2.43
N ALA A 93 -8.57 21.50 -2.67
CA ALA A 93 -8.29 20.17 -2.19
C ALA A 93 -8.20 20.18 -0.67
N ILE A 94 -8.98 19.34 -0.03
CA ILE A 94 -8.97 19.25 1.43
C ILE A 94 -8.74 17.80 1.86
N TYR A 95 -7.80 17.60 2.78
CA TYR A 95 -7.70 16.28 3.40
C TYR A 95 -8.14 16.31 4.88
N VAL A 96 -9.20 15.58 5.22
CA VAL A 96 -9.56 15.34 6.61
C VAL A 96 -9.87 13.86 6.73
N ASN A 97 -10.14 13.41 7.95
CA ASN A 97 -10.09 11.97 8.26
C ASN A 97 -11.40 11.29 8.80
N GLU A 98 -11.72 11.55 10.07
CA GLU A 98 -12.94 10.99 10.70
C GLU A 98 -14.01 12.07 10.82
N THR A 99 -13.80 13.13 10.06
CA THR A 99 -14.65 14.30 10.07
C THR A 99 -15.12 14.59 8.65
N TYR A 100 -16.13 15.44 8.54
CA TYR A 100 -16.57 15.95 7.23
C TYR A 100 -15.95 17.33 7.06
N GLU A 101 -15.32 17.54 5.89
CA GLU A 101 -14.63 18.80 5.65
C GLU A 101 -15.59 19.99 5.69
N PHE A 102 -16.85 19.74 5.33
CA PHE A 102 -17.88 20.78 5.38
C PHE A 102 -18.44 21.05 6.79
N ASP A 103 -18.20 20.14 7.74
CA ASP A 103 -18.63 20.38 9.13
C ASP A 103 -17.62 21.28 9.77
N ASP A 104 -17.50 22.53 9.30
CA ASP A 104 -16.45 23.43 9.79
C ASP A 104 -16.86 24.91 9.71
N LYS A 105 -16.27 25.76 10.56
CA LYS A 105 -16.67 27.16 10.68
C LYS A 105 -16.37 27.97 9.43
N PHE A 107 -17.09 27.13 6.61
CA PHE A 107 -18.19 26.89 5.68
C PHE A 107 -19.55 27.23 6.28
N ASN A 108 -19.53 27.87 7.45
CA ASN A 108 -20.75 28.25 8.16
C ASN A 108 -21.70 27.08 8.33
N PHE A 109 -21.18 25.94 8.77
CA PHE A 109 -21.98 24.75 8.84
C PHE A 109 -21.51 23.76 9.92
N LYS A 110 -22.48 23.21 10.65
CA LYS A 110 -22.22 22.13 11.60
C LYS A 110 -22.89 20.97 10.94
N LYS A 111 -22.31 19.77 11.06
CA LYS A 111 -22.85 18.60 10.39
C LYS A 111 -24.27 18.31 10.87
N ASN A 112 -25.12 17.91 9.95
CA ASN A 112 -26.53 17.82 10.24
C ASN A 112 -27.19 17.00 9.12
N PRO A 113 -26.88 15.71 9.07
CA PRO A 113 -27.40 14.87 8.00
C PRO A 113 -28.91 14.93 7.93
N PRO A 114 -29.46 14.83 6.72
CA PRO A 114 -28.75 14.65 5.44
C PRO A 114 -28.28 15.94 4.77
N LEU A 115 -28.26 17.07 5.50
CA LEU A 115 -27.99 18.36 4.87
C LEU A 115 -26.53 18.69 4.76
N VAL A 116 -26.15 19.21 3.59
CA VAL A 116 -24.81 19.76 3.43
C VAL A 116 -24.92 21.29 3.21
N PRO A 117 -23.78 21.99 3.25
CA PRO A 117 -23.82 23.45 3.16
C PRO A 117 -24.48 23.89 1.86
N TYR A 118 -25.13 25.04 1.86
CA TYR A 118 -25.73 25.52 0.64
C TYR A 118 -24.90 26.63 -0.01
N LYS A 119 -24.77 27.78 0.67
CA LYS A 119 -24.08 28.92 0.03
C LYS A 119 -22.57 28.72 -0.17
N GLU A 120 -22.00 27.85 0.62
CA GLU A 120 -20.60 27.53 0.50
C GLU A 120 -20.41 26.30 -0.41
N ASN A 121 -21.49 25.68 -0.88
CA ASN A 121 -21.34 24.51 -1.79
C ASN A 121 -20.81 24.91 -3.20
N GLU A 122 -20.16 24.00 -3.92
CA GLU A 122 -19.47 24.35 -5.16
C GLU A 122 -20.11 23.68 -6.37
N VAL A 123 -20.23 24.44 -7.45
CA VAL A 123 -20.79 23.92 -8.67
C VAL A 123 -19.79 23.99 -9.82
N GLY A 124 -19.58 22.85 -10.46
CA GLY A 124 -18.74 22.80 -11.63
C GLY A 124 -19.64 22.42 -12.78
N SER A 125 -19.85 23.34 -13.72
CA SER A 125 -20.71 23.01 -14.84
C SER A 125 -19.86 22.60 -15.98
N TYR A 126 -20.13 21.42 -16.53
CA TYR A 126 -19.34 20.84 -17.62
C TYR A 126 -20.21 20.72 -18.87
N ARG A 127 -19.65 21.05 -20.02
CA ARG A 127 -20.37 20.83 -21.27
C ARG A 127 -19.45 20.62 -22.45
N ARG A 128 -19.84 19.76 -23.37
CA ARG A 128 -19.09 19.58 -24.59
C ARG A 128 -20.08 19.19 -25.70
N THR A 129 -19.62 19.22 -26.94
CA THR A 129 -20.49 18.77 -28.03
C THR A 129 -19.96 17.48 -28.59
N PHE A 130 -20.70 16.86 -29.50
CA PHE A 130 -20.23 15.59 -30.09
C PHE A 130 -21.11 15.18 -31.26
N LYS A 131 -20.53 14.39 -32.15
CA LYS A 131 -21.31 13.87 -33.23
C LYS A 131 -21.53 12.38 -33.01
N VAL A 132 -22.76 11.94 -33.20
CA VAL A 132 -23.07 10.54 -33.25
C VAL A 132 -22.37 9.96 -34.48
N PRO A 133 -21.58 8.90 -34.31
CA PRO A 133 -21.00 8.20 -35.46
C PRO A 133 -22.08 7.84 -36.48
N ALA A 134 -21.75 7.94 -37.77
CA ALA A 134 -22.75 7.66 -38.79
C ALA A 134 -23.33 6.24 -38.68
N GLY A 135 -22.43 5.27 -38.43
CA GLY A 135 -22.79 3.84 -38.40
C GLY A 135 -23.82 3.45 -37.35
N TRP A 136 -24.17 4.38 -36.46
CA TRP A 136 -25.03 4.07 -35.30
C TRP A 136 -26.51 4.35 -35.57
N GLU A 137 -26.85 4.44 -36.85
CA GLU A 137 -28.18 4.85 -37.28
C GLU A 137 -29.20 3.80 -36.86
N GLY A 138 -30.17 4.20 -36.05
CA GLY A 138 -31.23 3.28 -35.65
C GLY A 138 -30.88 2.45 -34.44
N ARG A 139 -29.62 2.53 -33.99
CA ARG A 139 -29.16 1.80 -32.80
C ARG A 139 -29.63 2.49 -31.51
N ARG A 140 -29.65 1.74 -30.42
CA ARG A 140 -29.94 2.24 -29.08
C ARG A 140 -28.63 2.75 -28.57
N VAL A 141 -28.64 3.88 -27.88
CA VAL A 141 -27.40 4.45 -27.37
C VAL A 141 -27.45 4.66 -25.88
N VAL A 142 -26.41 4.26 -25.18
CA VAL A 142 -26.39 4.44 -23.74
C VAL A 142 -25.30 5.40 -23.39
N LEU A 143 -25.64 6.35 -22.52
CA LEU A 143 -24.62 7.16 -21.86
C LEU A 143 -24.16 6.53 -20.51
N CYS A 144 -22.85 6.40 -20.38
CA CYS A 144 -22.25 5.87 -19.18
C CYS A 144 -21.24 6.84 -18.59
N CYS A 145 -21.50 7.27 -17.36
CA CYS A 145 -20.53 7.98 -16.55
C CYS A 145 -19.99 7.06 -15.44
N GLU A 146 -18.71 6.66 -15.57
CA GLU A 146 -18.15 5.63 -14.70
C GLU A 146 -18.03 6.09 -13.26
N GLY A 147 -17.95 7.40 -13.04
CA GLY A 147 -17.98 7.90 -11.67
C GLY A 147 -17.80 9.40 -11.56
N VAL A 148 -18.58 10.00 -10.67
CA VAL A 148 -18.59 11.45 -10.52
C VAL A 148 -18.87 11.77 -9.08
N ILE A 149 -18.17 12.75 -8.54
CA ILE A 149 -18.38 13.09 -7.15
C ILE A 149 -18.74 14.58 -7.12
N SER A 150 -19.82 14.97 -6.44
CA SER A 150 -20.57 14.12 -5.50
C SER A 150 -21.98 13.80 -5.98
N PHE A 151 -22.68 14.84 -6.39
CA PHE A 151 -24.02 14.71 -6.98
C PHE A 151 -24.06 15.49 -8.27
N TYR A 152 -24.71 14.95 -9.28
CA TYR A 152 -24.95 15.75 -10.49
C TYR A 152 -26.32 15.57 -11.12
N TYR A 153 -26.74 16.64 -11.82
CA TYR A 153 -27.77 16.59 -12.86
C TYR A 153 -27.02 16.34 -14.15
N VAL A 154 -27.63 15.60 -15.08
CA VAL A 154 -27.09 15.47 -16.43
C VAL A 154 -28.15 15.76 -17.50
N TRP A 155 -27.81 16.55 -18.55
CA TRP A 155 -28.71 16.73 -19.70
C TRP A 155 -28.12 16.28 -21.03
N VAL A 156 -28.93 15.79 -21.96
CA VAL A 156 -28.44 15.67 -23.32
C VAL A 156 -29.32 16.41 -24.30
N ASN A 157 -28.68 17.32 -25.05
CA ASN A 157 -29.37 18.19 -26.00
C ASN A 157 -30.40 19.09 -25.33
N GLY A 158 -30.19 19.42 -24.05
CA GLY A 158 -31.15 20.21 -23.31
C GLY A 158 -32.27 19.38 -22.69
N GLU A 159 -32.35 18.09 -23.00
CA GLU A 159 -33.33 17.24 -22.29
C GLU A 159 -32.74 16.69 -20.96
N PHE A 160 -33.42 16.97 -19.86
CA PHE A 160 -33.07 16.32 -18.60
C PHE A 160 -32.95 14.80 -18.74
N LEU A 161 -31.85 14.18 -18.31
CA LEU A 161 -31.83 12.72 -18.19
C LEU A 161 -32.22 12.29 -16.78
N GLY A 162 -31.67 12.98 -15.79
CA GLY A 162 -31.92 12.63 -14.39
C GLY A 162 -30.73 13.05 -13.54
N TYR A 163 -30.50 12.34 -12.44
CA TYR A 163 -29.42 12.68 -11.53
C TYR A 163 -28.87 11.47 -10.77
N ASN A 164 -27.78 11.64 -10.03
CA ASN A 164 -27.15 10.52 -9.35
C ASN A 164 -26.39 10.93 -8.09
N GLN A 165 -26.44 10.06 -7.08
CA GLN A 165 -25.56 10.12 -5.93
C GLN A 165 -24.84 8.78 -5.91
N GLY A 166 -23.63 8.72 -5.32
CA GLY A 166 -22.84 7.49 -5.40
C GLY A 166 -21.71 7.57 -6.42
N SER A 167 -20.55 7.97 -5.91
CA SER A 167 -19.47 8.47 -6.74
C SER A 167 -18.56 7.43 -7.34
N LYS A 168 -18.77 6.14 -7.08
CA LYS A 168 -17.72 5.14 -7.37
C LYS A 168 -18.15 3.98 -8.24
N THR A 169 -19.41 4.02 -8.67
CA THR A 169 -19.87 3.05 -9.67
C THR A 169 -20.58 3.80 -10.78
N ALA A 170 -20.75 3.18 -11.94
CA ALA A 170 -21.32 3.89 -13.08
C ALA A 170 -22.78 4.31 -12.85
N ALA A 171 -23.21 5.41 -13.48
CA ALA A 171 -24.64 5.66 -13.64
C ALA A 171 -24.84 5.58 -15.13
N GLU A 172 -25.98 5.04 -15.57
CA GLU A 172 -26.27 4.96 -17.01
C GLU A 172 -27.67 5.40 -17.38
N TRP A 173 -27.79 6.12 -18.50
CA TRP A 173 -29.12 6.49 -19.02
C TRP A 173 -29.22 6.10 -20.45
N ASP A 174 -30.40 5.60 -20.84
CA ASP A 174 -30.63 5.37 -22.27
C ASP A 174 -30.97 6.72 -22.96
N ILE A 175 -30.09 7.25 -23.81
CA ILE A 175 -30.30 8.58 -24.37
C ILE A 175 -30.76 8.57 -25.86
N THR A 176 -31.10 7.37 -26.34
CA THR A 176 -31.46 7.15 -27.71
C THR A 176 -32.40 8.19 -28.26
N ASP A 177 -33.52 8.48 -27.60
CA ASP A 177 -34.50 9.42 -28.19
C ASP A 177 -34.12 10.91 -28.00
N LYS A 178 -32.99 11.16 -27.39
CA LYS A 178 -32.61 12.51 -27.12
C LYS A 178 -31.55 12.98 -28.11
N LEU A 179 -31.10 12.07 -28.96
CA LEU A 179 -30.03 12.42 -29.91
C LEU A 179 -30.62 13.10 -31.14
N THR A 180 -29.81 13.87 -31.86
CA THR A 180 -30.27 14.48 -33.11
C THR A 180 -29.22 14.35 -34.21
N ASP A 181 -29.49 15.00 -35.34
CA ASP A 181 -28.55 15.09 -36.44
C ASP A 181 -27.50 16.13 -36.07
N GLY A 182 -26.32 16.02 -36.66
CA GLY A 182 -25.32 17.06 -36.49
C GLY A 182 -24.71 17.10 -35.10
N GLU A 183 -24.40 18.33 -34.65
CA GLU A 183 -23.85 18.57 -33.34
C GLU A 183 -24.80 18.24 -32.21
N ASN A 184 -24.42 17.27 -31.36
CA ASN A 184 -25.12 17.06 -30.08
C ASN A 184 -24.40 17.76 -28.93
N THR A 185 -25.10 18.06 -27.84
CA THR A 185 -24.40 18.51 -26.64
C THR A 185 -24.70 17.64 -25.43
N ILE A 186 -23.80 17.66 -24.46
CA ILE A 186 -24.04 16.94 -23.20
C ILE A 186 -23.64 17.82 -22.04
N ALA A 187 -24.45 17.86 -20.99
CA ALA A 187 -24.12 18.72 -19.84
C ALA A 187 -24.23 17.98 -18.50
N LEU A 188 -23.21 18.08 -17.65
CA LEU A 188 -23.40 17.67 -16.27
C LEU A 188 -23.17 18.86 -15.34
N GLU A 189 -24.08 19.07 -14.40
CA GLU A 189 -23.89 20.09 -13.39
C GLU A 189 -23.54 19.39 -12.06
N VAL A 190 -22.31 19.57 -11.60
CA VAL A 190 -21.73 18.75 -10.55
C VAL A 190 -21.56 19.51 -9.25
N TYR A 191 -22.08 18.91 -8.17
CA TYR A 191 -21.96 19.50 -6.84
C TYR A 191 -20.88 18.85 -5.99
N ARG A 192 -20.12 19.68 -5.30
CA ARG A 192 -19.05 19.20 -4.47
C ARG A 192 -19.62 18.37 -3.32
N TRP A 193 -20.76 18.82 -2.76
CA TRP A 193 -21.42 18.09 -1.68
C TRP A 193 -22.89 17.81 -1.95
N SER A 194 -23.30 16.59 -1.62
CA SER A 194 -24.71 16.26 -1.46
C SER A 194 -24.86 15.34 -0.23
N SER A 195 -26.08 14.87 0.00
CA SER A 195 -26.39 14.00 1.09
C SER A 195 -25.56 12.73 1.04
N GLY A 196 -25.23 12.31 -0.19
CA GLY A 196 -24.38 11.13 -0.40
C GLY A 196 -22.99 11.28 0.20
N ALA A 197 -22.53 12.52 0.41
CA ALA A 197 -21.17 12.70 0.88
C ALA A 197 -21.04 12.12 2.27
N TYR A 198 -22.15 12.05 3.01
CA TYR A 198 -22.18 11.52 4.37
C TYR A 198 -21.81 10.04 4.37
N LEU A 199 -21.99 9.38 3.23
CA LEU A 199 -21.57 7.99 3.12
C LEU A 199 -20.26 7.87 2.37
N GLU A 200 -19.62 9.00 2.08
CA GLU A 200 -18.36 8.98 1.36
C GLU A 200 -17.29 9.71 2.20
N CYS A 201 -17.24 9.35 3.50
CA CYS A 201 -16.33 9.97 4.45
C CYS A 201 -15.09 9.06 4.65
N GLN A 202 -14.54 8.53 3.55
CA GLN A 202 -13.29 7.75 3.58
C GLN A 202 -12.04 8.56 3.97
N ASP A 203 -11.04 7.86 4.52
CA ASP A 203 -9.78 8.53 4.87
C ASP A 203 -9.03 8.84 3.58
N TRP A 205 -8.35 12.28 0.31
CA TRP A 205 -8.60 13.63 -0.19
C TRP A 205 -10.08 13.87 -0.55
N ARG A 206 -10.63 14.97 -0.04
CA ARG A 206 -11.98 15.34 -0.37
C ARG A 206 -12.02 16.20 -1.68
N LEU A 207 -12.42 15.56 -2.78
CA LEU A 207 -12.22 16.10 -4.12
C LEU A 207 -13.53 16.12 -4.96
N SER A 208 -13.54 16.86 -6.05
CA SER A 208 -14.76 17.04 -6.84
C SER A 208 -14.65 16.79 -8.34
N GLY A 209 -15.79 16.52 -8.98
CA GLY A 209 -15.88 16.61 -10.42
C GLY A 209 -16.02 15.24 -11.02
N ILE A 210 -15.66 15.10 -12.29
CA ILE A 210 -15.84 13.86 -13.02
C ILE A 210 -14.57 13.09 -12.89
N GLU A 211 -14.66 11.91 -12.28
CA GLU A 211 -13.45 11.21 -11.78
C GLU A 211 -13.06 10.07 -12.70
N ARG A 212 -14.04 9.49 -13.38
CA ARG A 212 -13.77 8.36 -14.25
C ARG A 212 -14.32 8.65 -15.67
N ASP A 213 -14.08 7.72 -16.60
CA ASP A 213 -14.55 7.86 -17.98
C ASP A 213 -16.05 8.18 -18.13
N VAL A 214 -16.36 8.97 -19.15
CA VAL A 214 -17.70 9.21 -19.62
C VAL A 214 -17.72 8.65 -21.03
N TYR A 215 -18.73 7.85 -21.38
CA TYR A 215 -18.76 7.30 -22.74
C TYR A 215 -20.14 6.90 -23.24
N LEU A 216 -20.21 6.66 -24.54
CA LEU A 216 -21.42 6.20 -25.16
C LEU A 216 -21.14 4.82 -25.68
N TYR A 217 -22.08 3.92 -25.51
CA TYR A 217 -22.00 2.69 -26.30
C TYR A 217 -23.32 2.39 -27.01
N SER A 218 -23.28 1.57 -28.05
CA SER A 218 -24.48 1.45 -28.85
C SER A 218 -24.79 0.01 -29.16
N THR A 219 -26.07 -0.36 -28.96
CA THR A 219 -26.56 -1.72 -29.16
C THR A 219 -27.80 -1.71 -30.04
N PRO A 220 -28.19 -2.89 -30.55
CA PRO A 220 -29.47 -3.02 -31.28
C PRO A 220 -30.67 -2.81 -30.35
N GLU A 221 -31.86 -2.64 -30.93
CA GLU A 221 -33.08 -2.40 -30.16
C GLU A 221 -33.27 -3.54 -29.18
N GLN A 222 -32.72 -4.70 -29.54
CA GLN A 222 -32.73 -5.89 -28.70
C GLN A 222 -31.28 -6.14 -28.31
N TYR A 223 -30.99 -6.14 -27.01
CA TYR A 223 -29.62 -6.23 -26.57
C TYR A 223 -29.43 -7.18 -25.36
N ILE A 224 -28.17 -7.47 -25.08
CA ILE A 224 -27.81 -8.15 -23.87
C ILE A 224 -27.82 -7.10 -22.76
N ALA A 225 -28.76 -7.22 -21.82
CA ALA A 225 -28.89 -6.26 -20.74
C ALA A 225 -28.01 -6.59 -19.55
N ASP A 226 -27.76 -7.87 -19.35
CA ASP A 226 -27.07 -8.35 -18.16
C ASP A 226 -26.81 -9.86 -18.32
N TYR A 227 -25.95 -10.41 -17.46
CA TYR A 227 -25.75 -11.85 -17.40
C TYR A 227 -24.96 -12.29 -16.18
N LYS A 228 -25.28 -13.49 -15.70
CA LYS A 228 -24.69 -14.01 -14.48
C LYS A 228 -23.85 -15.23 -14.81
N VAL A 229 -22.57 -15.18 -14.48
CA VAL A 229 -21.73 -16.31 -14.72
C VAL A 229 -21.44 -17.07 -13.44
N THR A 230 -21.58 -18.38 -13.50
CA THR A 230 -21.21 -19.23 -12.41
C THR A 230 -20.12 -20.19 -12.91
N SER A 231 -18.93 -20.10 -12.37
CA SER A 231 -17.94 -21.12 -12.72
C SER A 231 -17.28 -21.63 -11.48
N LEU A 232 -17.78 -22.74 -10.97
CA LEU A 232 -17.35 -23.23 -9.68
C LEU A 232 -16.54 -24.54 -9.80
N LEU A 233 -16.29 -25.20 -8.68
CA LEU A 233 -15.68 -26.53 -8.70
C LEU A 233 -16.55 -27.42 -7.83
N GLU A 234 -16.59 -28.73 -8.09
CA GLU A 234 -17.35 -29.60 -7.17
C GLU A 234 -16.67 -29.54 -5.81
N LYS A 235 -17.47 -29.53 -4.75
CA LYS A 235 -16.92 -29.42 -3.41
C LYS A 235 -16.44 -30.76 -2.84
N GLU A 236 -16.27 -31.79 -3.68
CA GLU A 236 -15.75 -33.07 -3.19
C GLU A 236 -14.26 -33.18 -3.47
N HIS A 237 -13.87 -32.99 -4.72
CA HIS A 237 -12.46 -33.06 -5.04
C HIS A 237 -11.94 -31.75 -5.56
N TYR A 238 -12.85 -30.83 -5.86
CA TYR A 238 -12.48 -29.55 -6.44
C TYR A 238 -11.67 -29.75 -7.72
N LYS A 239 -12.16 -30.59 -8.63
CA LYS A 239 -11.44 -30.87 -9.90
C LYS A 239 -12.32 -30.73 -11.14
N GLU A 240 -13.61 -30.96 -10.98
CA GLU A 240 -14.54 -30.81 -12.09
C GLU A 240 -15.17 -29.43 -12.02
N GLY A 241 -15.15 -28.72 -13.15
CA GLY A 241 -15.72 -27.38 -13.21
C GLY A 241 -17.21 -27.49 -13.31
N ILE A 242 -17.89 -26.57 -12.62
CA ILE A 242 -19.32 -26.38 -12.81
C ILE A 242 -19.62 -25.04 -13.51
N PHE A 243 -20.30 -25.09 -14.66
CA PHE A 243 -20.58 -23.89 -15.44
C PHE A 243 -22.06 -23.56 -15.60
N GLU A 244 -22.49 -22.40 -15.10
CA GLU A 244 -23.85 -21.97 -15.33
C GLU A 244 -23.93 -20.53 -15.83
N LEU A 245 -24.90 -20.24 -16.70
CA LEU A 245 -25.01 -18.93 -17.30
C LEU A 245 -26.45 -18.51 -17.45
N GLU A 246 -26.77 -17.32 -16.96
CA GLU A 246 -28.06 -16.70 -17.20
C GLU A 246 -27.83 -15.42 -18.02
N VAL A 247 -28.62 -15.21 -19.07
CA VAL A 247 -28.51 -13.97 -19.84
C VAL A 247 -29.80 -13.18 -19.84
N ALA A 248 -29.77 -11.95 -19.37
CA ALA A 248 -30.94 -11.08 -19.51
C ALA A 248 -30.88 -10.36 -20.85
N VAL A 249 -31.88 -10.61 -21.69
CA VAL A 249 -31.96 -9.95 -22.97
C VAL A 249 -33.01 -8.85 -22.88
N GLY A 250 -32.62 -7.60 -23.19
CA GLY A 250 -33.57 -6.49 -23.16
C GLY A 250 -34.09 -6.10 -24.55
N GLY A 251 -35.21 -5.37 -24.58
CA GLY A 251 -35.73 -4.82 -25.85
C GLY A 251 -36.49 -5.84 -26.66
N THR A 252 -36.50 -5.67 -27.99
CA THR A 252 -37.34 -6.53 -28.84
C THR A 252 -37.15 -6.39 -30.35
N THR A 256 -38.10 -13.15 -34.82
CA THR A 256 -37.38 -14.33 -34.32
C THR A 256 -35.88 -14.10 -34.14
N SER A 257 -35.31 -14.69 -33.09
CA SER A 257 -33.89 -14.49 -32.77
C SER A 257 -33.41 -15.53 -31.75
N SER A 258 -32.12 -15.84 -31.81
CA SER A 258 -31.49 -16.71 -30.83
C SER A 258 -30.36 -16.02 -29.99
N ILE A 259 -30.16 -16.49 -28.75
CA ILE A 259 -28.98 -16.09 -27.95
C ILE A 259 -28.08 -17.31 -27.73
N ALA A 260 -26.78 -17.17 -28.00
CA ALA A 260 -25.83 -18.30 -27.99
C ALA A 260 -24.53 -17.93 -27.28
N TYR A 261 -23.97 -18.88 -26.53
CA TYR A 261 -22.68 -18.67 -25.90
C TYR A 261 -21.69 -19.72 -26.33
N THR A 262 -20.41 -19.37 -26.26
CA THR A 262 -19.33 -20.32 -26.45
C THR A 262 -18.23 -20.06 -25.41
N LEU A 263 -17.89 -21.06 -24.62
CA LEU A 263 -16.80 -20.92 -23.68
C LEU A 263 -15.60 -21.49 -24.36
N LYS A 264 -14.50 -20.75 -24.46
CA LYS A 264 -13.31 -21.25 -25.16
C LYS A 264 -12.07 -21.24 -24.26
N ASP A 265 -11.17 -22.19 -24.46
CA ASP A 265 -9.98 -22.24 -23.64
C ASP A 265 -8.86 -21.42 -24.24
N ALA A 266 -7.71 -21.41 -23.57
CA ALA A 266 -6.63 -20.51 -23.97
C ALA A 266 -6.20 -20.79 -25.39
N SER A 267 -6.57 -21.96 -25.91
CA SER A 267 -6.18 -22.33 -27.28
C SER A 267 -7.31 -22.11 -28.27
N ASP A 268 -8.15 -21.12 -27.97
CA ASP A 268 -9.36 -20.81 -28.73
C ASP A 268 -10.28 -22.01 -29.01
N LYS A 269 -10.02 -23.16 -28.39
CA LYS A 269 -10.88 -24.32 -28.61
C LYS A 269 -12.17 -24.26 -27.79
N THR A 270 -13.30 -24.51 -28.45
CA THR A 270 -14.60 -24.51 -27.79
C THR A 270 -14.74 -25.66 -26.79
N VAL A 271 -15.15 -25.38 -25.56
CA VAL A 271 -15.21 -26.43 -24.55
C VAL A 271 -16.59 -26.61 -23.97
N LEU A 272 -17.40 -25.56 -24.05
CA LEU A 272 -18.82 -25.65 -23.73
C LEU A 272 -19.54 -24.73 -24.69
N GLU A 273 -20.83 -24.95 -24.91
CA GLU A 273 -21.54 -24.07 -25.81
C GLU A 273 -23.01 -24.37 -25.82
N GLY A 274 -23.80 -23.30 -25.86
CA GLY A 274 -25.25 -23.41 -25.85
C GLY A 274 -25.94 -22.47 -26.83
N SER A 275 -27.27 -22.57 -26.86
CA SER A 275 -28.08 -21.97 -27.91
C SER A 275 -29.51 -22.03 -27.43
N ARG A 276 -30.23 -20.93 -27.53
CA ARG A 276 -31.63 -20.94 -27.19
C ARG A 276 -32.35 -20.13 -28.30
N LYS A 277 -33.61 -20.44 -28.63
CA LYS A 277 -34.37 -19.63 -29.61
C LYS A 277 -35.30 -18.59 -28.98
N ASN A 285 -37.70 -11.28 -20.74
CA ASN A 285 -36.52 -12.11 -21.12
C ASN A 285 -35.44 -12.33 -20.02
N LEU A 286 -35.28 -13.60 -19.61
CA LEU A 286 -34.26 -14.02 -18.64
C LEU A 286 -33.89 -15.45 -18.95
N ILE A 287 -33.06 -15.66 -19.97
CA ILE A 287 -32.68 -17.02 -20.39
C ILE A 287 -31.72 -17.76 -19.44
N VAL A 288 -32.17 -18.90 -18.95
CA VAL A 288 -31.37 -19.74 -18.08
C VAL A 288 -30.83 -20.91 -18.86
N PHE A 289 -29.52 -20.94 -19.09
CA PHE A 289 -28.95 -22.08 -19.77
C PHE A 289 -28.83 -23.30 -18.86
N ASP A 290 -28.47 -24.40 -19.49
CA ASP A 290 -28.25 -25.67 -18.85
C ASP A 290 -26.98 -25.70 -18.03
N GLU A 291 -27.10 -26.18 -16.78
CA GLU A 291 -25.97 -26.52 -15.92
C GLU A 291 -25.01 -27.42 -16.70
N GLN A 292 -23.70 -27.18 -16.62
CA GLN A 292 -22.72 -27.96 -17.38
C GLN A 292 -21.46 -28.24 -16.55
N ARG A 293 -20.65 -29.21 -16.98
CA ARG A 293 -19.57 -29.74 -16.14
C ARG A 293 -18.32 -29.94 -16.95
N LEU A 294 -17.22 -29.36 -16.50
CA LEU A 294 -15.93 -29.61 -17.14
C LEU A 294 -15.03 -30.46 -16.24
N PRO A 295 -14.79 -31.72 -16.61
CA PRO A 295 -13.88 -32.49 -15.76
C PRO A 295 -12.44 -32.06 -16.01
N ASP A 296 -11.63 -32.08 -14.97
CA ASP A 296 -10.22 -31.80 -15.14
C ASP A 296 -10.00 -30.45 -15.84
N VAL A 297 -10.83 -29.49 -15.45
CA VAL A 297 -10.79 -28.12 -15.92
C VAL A 297 -9.54 -27.38 -15.41
N ARG A 298 -9.12 -26.33 -16.12
CA ARG A 298 -8.03 -25.50 -15.64
C ARG A 298 -8.59 -24.57 -14.57
N ARG A 299 -8.03 -24.60 -13.35
CA ARG A 299 -8.62 -23.87 -12.20
C ARG A 299 -7.92 -22.55 -11.98
N TRP A 300 -8.67 -21.60 -11.41
CA TRP A 300 -8.17 -20.25 -11.25
C TRP A 300 -7.68 -20.05 -9.85
N ASN A 301 -6.55 -19.38 -9.71
CA ASN A 301 -6.18 -18.82 -8.43
C ASN A 301 -5.10 -17.80 -8.65
N ALA A 302 -4.67 -17.18 -7.57
CA ALA A 302 -3.69 -16.12 -7.64
C ALA A 302 -2.35 -16.56 -8.24
N GLU A 303 -1.98 -17.82 -8.15
CA GLU A 303 -0.64 -18.21 -8.61
C GLU A 303 -0.68 -18.68 -10.05
N HIS A 304 -1.80 -19.27 -10.43
CA HIS A 304 -2.04 -19.68 -11.79
C HIS A 304 -3.40 -19.22 -12.26
N PRO A 305 -3.48 -17.93 -12.63
CA PRO A 305 -4.76 -17.34 -12.98
C PRO A 305 -5.29 -17.86 -14.32
N GLU A 306 -5.58 -19.16 -14.40
CA GLU A 306 -6.05 -19.81 -15.63
C GLU A 306 -7.43 -19.31 -16.04
N LEU A 307 -7.54 -18.87 -17.28
CA LEU A 307 -8.79 -18.29 -17.72
C LEU A 307 -9.42 -18.95 -18.96
N TYR A 308 -10.72 -18.79 -19.08
CA TYR A 308 -11.45 -19.14 -20.27
C TYR A 308 -12.11 -17.87 -20.80
N THR A 309 -12.48 -17.87 -22.06
CA THR A 309 -13.16 -16.72 -22.62
C THR A 309 -14.61 -17.06 -22.97
N LEU A 310 -15.55 -16.31 -22.43
CA LEU A 310 -16.94 -16.59 -22.69
C LEU A 310 -17.45 -15.59 -23.77
N LEU A 311 -17.92 -16.09 -24.91
CA LEU A 311 -18.53 -15.24 -25.92
C LEU A 311 -20.04 -15.38 -25.90
N LEU A 312 -20.75 -14.26 -25.88
CA LEU A 312 -22.20 -14.26 -25.99
C LEU A 312 -22.63 -13.50 -27.23
N GLU A 313 -23.43 -14.14 -28.08
CA GLU A 313 -23.91 -13.56 -29.33
C GLU A 313 -25.43 -13.61 -29.45
N LEU A 314 -26.05 -12.50 -29.80
CA LEU A 314 -27.43 -12.49 -30.28
C LEU A 314 -27.37 -12.72 -31.77
N LYS A 315 -28.37 -13.41 -32.29
CA LYS A 315 -28.43 -13.65 -33.72
C LYS A 315 -29.77 -13.32 -34.38
N ASP A 316 -29.70 -12.78 -35.60
CA ASP A 316 -30.84 -12.58 -36.53
C ASP A 316 -31.66 -13.82 -36.61
N ALA A 317 -32.92 -13.66 -37.02
CA ALA A 317 -33.76 -14.81 -37.39
C ALA A 317 -33.12 -15.59 -38.54
N GLY A 318 -32.25 -14.93 -39.29
CA GLY A 318 -31.48 -15.56 -40.33
C GLY A 318 -30.09 -15.99 -39.89
N GLY A 319 -29.91 -16.14 -38.57
CA GLY A 319 -28.64 -16.60 -37.99
C GLY A 319 -27.43 -15.67 -38.08
N LYS A 320 -27.64 -14.41 -38.44
CA LYS A 320 -26.55 -13.44 -38.49
C LYS A 320 -26.26 -12.81 -37.08
N VAL A 321 -25.00 -12.47 -36.82
CA VAL A 321 -24.60 -11.90 -35.54
C VAL A 321 -25.07 -10.45 -35.46
N THR A 322 -25.96 -10.16 -34.52
CA THR A 322 -26.36 -8.75 -34.32
C THR A 322 -25.57 -8.06 -33.20
N GLU A 323 -25.17 -8.81 -32.19
CA GLU A 323 -24.36 -8.26 -31.11
C GLU A 323 -23.41 -9.27 -30.53
N ILE A 324 -22.17 -8.87 -30.31
CA ILE A 324 -21.29 -9.75 -29.54
C ILE A 324 -20.72 -9.10 -28.30
N THR A 325 -20.90 -9.77 -27.16
CA THR A 325 -20.22 -9.37 -25.92
C THR A 325 -19.59 -10.58 -25.18
N GLY A 326 -18.81 -10.30 -24.14
CA GLY A 326 -18.02 -11.35 -23.49
C GLY A 326 -17.21 -10.96 -22.25
N THR A 327 -16.64 -11.97 -21.60
CA THR A 327 -15.84 -11.77 -20.38
C THR A 327 -14.88 -12.96 -20.17
N LYS A 328 -13.86 -12.74 -19.35
CA LYS A 328 -12.98 -13.84 -18.98
C LYS A 328 -13.68 -14.67 -17.91
N VAL A 329 -13.40 -15.96 -17.86
CA VAL A 329 -14.03 -16.85 -16.91
C VAL A 329 -12.95 -17.60 -16.16
N GLY A 330 -13.08 -17.67 -14.84
CA GLY A 330 -12.10 -18.42 -14.04
C GLY A 330 -12.84 -19.42 -13.20
N PHE A 331 -12.54 -20.70 -13.37
CA PHE A 331 -13.19 -21.74 -12.56
C PHE A 331 -12.49 -21.83 -11.24
N ARG A 332 -13.22 -21.55 -10.16
CA ARG A 332 -12.62 -21.42 -8.85
C ARG A 332 -13.73 -21.36 -7.82
N THR A 333 -13.45 -21.74 -6.58
CA THR A 333 -14.42 -21.54 -5.50
C THR A 333 -13.83 -20.73 -4.39
N SER A 334 -14.70 -20.02 -3.65
CA SER A 334 -14.27 -19.20 -2.54
C SER A 334 -15.26 -19.43 -1.43
N GLU A 335 -14.76 -19.82 -0.25
CA GLU A 335 -15.71 -20.13 0.81
C GLU A 335 -15.10 -20.10 2.19
N ILE A 336 -15.97 -20.13 3.19
CA ILE A 336 -15.55 -20.32 4.56
C ILE A 336 -15.83 -21.78 4.94
N LYS A 337 -14.79 -22.61 4.85
CA LYS A 337 -14.93 -24.06 5.11
C LYS A 337 -14.40 -24.47 6.49
N ASN A 338 -15.21 -25.15 7.28
CA ASN A 338 -14.77 -25.54 8.62
C ASN A 338 -14.09 -24.35 9.25
N GLY A 339 -14.74 -23.19 9.15
CA GLY A 339 -14.24 -21.98 9.82
C GLY A 339 -13.02 -21.28 9.21
N ARG A 340 -12.45 -21.82 8.14
CA ARG A 340 -11.32 -21.19 7.45
C ARG A 340 -11.58 -20.76 5.96
N PHE A 341 -11.00 -19.62 5.56
CA PHE A 341 -11.23 -19.06 4.22
C PHE A 341 -10.46 -19.89 3.24
N CYS A 342 -11.14 -20.47 2.26
CA CYS A 342 -10.50 -21.38 1.32
C CYS A 342 -10.75 -21.02 -0.12
N ILE A 343 -9.70 -21.20 -0.91
CA ILE A 343 -9.78 -21.10 -2.34
C ILE A 343 -9.60 -22.51 -2.88
N ASN A 344 -10.58 -22.99 -3.63
CA ASN A 344 -10.48 -24.26 -4.27
C ASN A 344 -10.12 -25.37 -3.27
N GLY A 345 -10.78 -25.37 -2.11
CA GLY A 345 -10.62 -26.42 -1.10
C GLY A 345 -9.36 -26.31 -0.26
N VAL A 346 -8.52 -25.33 -0.57
CA VAL A 346 -7.27 -25.12 0.16
C VAL A 346 -7.42 -23.85 0.99
N PRO A 347 -7.25 -23.95 2.33
CA PRO A 347 -7.26 -22.71 3.15
C PRO A 347 -6.01 -21.90 2.86
N VAL A 348 -6.15 -20.62 2.56
CA VAL A 348 -4.99 -19.87 2.10
C VAL A 348 -4.61 -18.78 3.10
N LEU A 349 -3.37 -18.33 3.08
CA LEU A 349 -2.99 -17.19 3.84
C LEU A 349 -3.23 -15.95 3.01
N VAL A 350 -3.93 -15.00 3.60
CA VAL A 350 -4.25 -13.77 2.92
C VAL A 350 -3.11 -12.81 3.16
N LYS A 351 -2.21 -12.73 2.18
CA LYS A 351 -1.14 -11.74 2.25
C LYS A 351 -1.52 -10.57 1.36
N GLY A 352 -2.14 -9.54 1.92
CA GLY A 352 -2.60 -8.45 1.07
C GLY A 352 -2.37 -7.04 1.55
N VAL A 353 -2.95 -6.12 0.80
CA VAL A 353 -2.78 -4.70 1.04
C VAL A 353 -4.11 -4.04 0.68
N ASN A 354 -4.42 -2.94 1.36
CA ASN A 354 -5.53 -2.07 0.96
C ASN A 354 -5.05 -1.17 -0.15
N ARG A 355 -5.85 -1.00 -1.20
CA ARG A 355 -5.53 -0.01 -2.22
C ARG A 355 -6.60 1.08 -2.41
N HIS A 356 -6.16 2.34 -2.30
CA HIS A 356 -6.96 3.52 -2.69
C HIS A 356 -6.60 3.89 -4.11
N GLU A 357 -7.50 4.58 -4.80
CA GLU A 357 -7.19 5.05 -6.15
C GLU A 357 -6.66 6.45 -6.04
N HIS A 358 -5.48 6.68 -6.63
CA HIS A 358 -4.77 7.94 -6.44
C HIS A 358 -3.69 8.19 -7.51
N SER A 359 -3.71 9.41 -8.08
CA SER A 359 -2.59 9.84 -8.91
C SER A 359 -2.49 11.35 -8.83
N GLN A 360 -1.63 11.96 -9.62
CA GLN A 360 -1.48 13.43 -9.52
C GLN A 360 -2.73 14.14 -10.01
N LEU A 361 -3.60 13.40 -10.66
CA LEU A 361 -4.87 13.91 -11.10
C LEU A 361 -5.96 13.74 -10.09
N GLY A 362 -5.70 13.06 -9.00
CA GLY A 362 -6.73 12.91 -7.99
C GLY A 362 -7.15 11.46 -7.90
N ARG A 363 -8.46 11.22 -7.97
CA ARG A 363 -9.03 9.88 -7.82
C ARG A 363 -8.88 9.10 -9.10
N THR A 364 -8.35 9.74 -10.11
CA THR A 364 -8.37 9.22 -11.47
C THR A 364 -7.08 8.47 -11.74
N VAL A 365 -7.18 7.22 -12.21
CA VAL A 365 -6.02 6.38 -12.30
C VAL A 365 -5.91 5.85 -13.69
N SER A 366 -4.77 6.02 -14.36
CA SER A 366 -4.65 5.57 -15.75
C SER A 366 -4.49 4.03 -15.84
N LYS A 367 -4.53 3.48 -17.04
CA LYS A 367 -4.24 2.06 -17.20
C LYS A 367 -2.79 1.76 -16.81
N GLU A 368 -1.87 2.66 -17.14
CA GLU A 368 -0.44 2.36 -16.89
C GLU A 368 -0.17 2.35 -15.39
N LEU A 369 -0.80 3.27 -14.65
CA LEU A 369 -0.66 3.32 -13.21
C LEU A 369 -1.30 2.13 -12.54
N GLU A 371 -1.56 -0.82 -13.92
CA GLU A 371 -0.67 -1.91 -14.24
C GLU A 371 0.61 -1.84 -13.42
N GLN A 372 1.12 -0.63 -13.20
CA GLN A 372 2.20 -0.44 -12.27
C GLN A 372 1.82 -0.99 -10.90
N ASP A 373 0.62 -0.68 -10.43
CA ASP A 373 0.22 -1.15 -9.12
C ASP A 373 0.29 -2.67 -9.00
N ILE A 374 -0.44 -3.37 -9.84
CA ILE A 374 -0.44 -4.82 -9.79
C ILE A 374 0.95 -5.41 -10.11
N ARG A 375 1.76 -4.72 -10.91
CA ARG A 375 3.05 -5.27 -11.19
CA ARG A 375 3.10 -5.20 -11.22
C ARG A 375 3.93 -5.29 -9.94
N LEU A 376 3.99 -4.16 -9.22
CA LEU A 376 4.75 -4.08 -7.98
C LEU A 376 4.20 -5.01 -6.87
N LYS A 378 2.61 -7.86 -7.14
CA LYS A 378 2.99 -9.22 -7.42
C LYS A 378 4.48 -9.39 -7.14
N GLN A 379 5.27 -8.40 -7.51
CA GLN A 379 6.71 -8.50 -7.31
C GLN A 379 7.11 -8.58 -5.84
N HIS A 380 6.17 -8.30 -4.94
CA HIS A 380 6.50 -8.20 -3.52
C HIS A 380 5.60 -9.15 -2.72
N ASN A 381 5.14 -10.17 -3.43
CA ASN A 381 4.52 -11.36 -2.87
C ASN A 381 3.21 -11.13 -2.18
N ILE A 382 2.52 -10.07 -2.61
CA ILE A 382 1.17 -9.80 -2.17
C ILE A 382 0.24 -10.69 -3.00
N ASN A 383 -0.73 -11.32 -2.36
CA ASN A 383 -1.66 -12.13 -3.16
C ASN A 383 -3.10 -11.65 -3.07
N THR A 384 -3.36 -10.66 -2.23
CA THR A 384 -4.68 -10.08 -2.25
C THR A 384 -4.73 -8.58 -2.03
N VAL A 385 -5.74 -7.94 -2.61
CA VAL A 385 -5.91 -6.50 -2.49
C VAL A 385 -7.30 -6.21 -1.98
N ARG A 386 -7.41 -5.32 -1.01
CA ARG A 386 -8.73 -4.93 -0.58
C ARG A 386 -8.98 -3.54 -1.17
N ASN A 387 -10.16 -3.36 -1.77
CA ASN A 387 -10.51 -2.07 -2.39
C ASN A 387 -10.97 -1.08 -1.34
N SER A 388 -10.04 -0.24 -0.88
CA SER A 388 -10.26 0.69 0.22
C SER A 388 -11.57 1.47 0.24
N HIS A 389 -12.65 0.79 0.61
CA HIS A 389 -13.93 1.43 0.84
C HIS A 389 -14.72 1.90 -0.39
N TYR A 390 -14.36 1.47 -1.59
CA TYR A 390 -15.25 1.69 -2.74
C TYR A 390 -14.88 0.81 -3.89
N PRO A 391 -15.83 0.45 -4.75
CA PRO A 391 -15.40 -0.40 -5.84
C PRO A 391 -14.42 0.32 -6.75
N ALA A 392 -13.66 -0.41 -7.54
CA ALA A 392 -12.58 0.27 -8.23
C ALA A 392 -12.93 0.45 -9.71
N HIS A 393 -12.08 1.17 -10.42
CA HIS A 393 -12.22 1.29 -11.85
C HIS A 393 -12.34 -0.09 -12.49
N PRO A 394 -13.30 -0.26 -13.41
CA PRO A 394 -13.59 -1.59 -13.93
C PRO A 394 -12.35 -2.33 -14.36
N TYR A 395 -11.36 -1.59 -14.84
CA TYR A 395 -10.19 -2.21 -15.43
C TYR A 395 -9.30 -2.94 -14.38
N TRP A 396 -9.41 -2.51 -13.13
CA TRP A 396 -8.67 -3.09 -12.04
C TRP A 396 -9.05 -4.56 -11.86
N TYR A 397 -10.30 -4.90 -12.12
CA TYR A 397 -10.77 -6.25 -11.90
C TYR A 397 -10.25 -7.12 -13.00
N GLN A 398 -10.12 -6.53 -14.19
CA GLN A 398 -9.62 -7.28 -15.34
C GLN A 398 -8.13 -7.56 -15.16
N LEU A 399 -7.43 -6.66 -14.50
CA LEU A 399 -6.04 -6.93 -14.17
C LEU A 399 -5.97 -8.08 -13.19
N CYS A 400 -6.79 -8.06 -12.13
CA CYS A 400 -6.70 -9.12 -11.12
C CYS A 400 -7.06 -10.50 -11.65
N ASP A 401 -8.04 -10.61 -12.55
CA ASP A 401 -8.36 -11.89 -13.18
C ASP A 401 -7.16 -12.33 -14.02
N ARG A 402 -6.50 -11.39 -14.69
CA ARG A 402 -5.49 -11.71 -15.69
CA ARG A 402 -5.50 -11.76 -15.67
C ARG A 402 -4.20 -12.17 -15.04
N TYR A 403 -3.78 -11.50 -13.98
CA TYR A 403 -2.50 -11.80 -13.41
C TYR A 403 -2.56 -12.48 -12.03
N GLY A 404 -3.74 -12.55 -11.42
CA GLY A 404 -3.89 -13.36 -10.21
C GLY A 404 -3.73 -12.59 -8.92
N LEU A 405 -4.80 -11.93 -8.49
CA LEU A 405 -4.86 -11.35 -7.15
C LEU A 405 -6.25 -11.64 -6.64
N TYR A 406 -6.36 -11.93 -5.35
CA TYR A 406 -7.69 -12.01 -4.78
C TYR A 406 -8.11 -10.61 -4.46
N VAL A 407 -9.36 -10.29 -4.79
CA VAL A 407 -9.86 -8.98 -4.54
C VAL A 407 -10.90 -9.10 -3.44
N ILE A 408 -10.80 -8.21 -2.47
CA ILE A 408 -11.87 -8.02 -1.52
C ILE A 408 -12.50 -6.69 -1.91
N ASP A 409 -13.67 -6.80 -2.52
CA ASP A 409 -14.36 -5.64 -3.06
C ASP A 409 -15.29 -5.08 -1.97
N GLU A 410 -15.57 -3.79 -2.03
CA GLU A 410 -16.28 -3.16 -0.92
C GLU A 410 -17.23 -2.05 -1.40
N ALA A 411 -18.43 -2.02 -0.85
CA ALA A 411 -19.40 -0.98 -1.19
C ALA A 411 -18.94 0.39 -0.73
N ASN A 412 -19.34 1.41 -1.50
CA ASN A 412 -18.90 2.76 -1.24
C ASN A 412 -19.76 3.38 -0.14
N ILE A 413 -19.46 3.00 1.10
CA ILE A 413 -20.27 3.36 2.27
C ILE A 413 -19.36 3.53 3.48
N GLU A 414 -19.17 4.77 3.92
CA GLU A 414 -18.41 5.06 5.10
C GLU A 414 -18.92 6.36 5.70
N SER A 415 -19.49 6.29 6.88
CA SER A 415 -20.05 7.46 7.55
C SER A 415 -19.38 7.70 8.87
N HIS A 416 -18.09 7.43 8.91
CA HIS A 416 -17.24 7.64 10.06
C HIS A 416 -17.56 8.93 10.82
N GLY A 417 -17.93 9.96 10.10
CA GLY A 417 -18.18 11.25 10.73
C GLY A 417 -19.31 11.20 11.72
N GLY A 421 -22.63 6.22 16.96
CA GLY A 421 -23.19 5.12 17.71
C GLY A 421 -24.71 5.02 17.57
N PRO A 422 -25.46 5.81 18.37
CA PRO A 422 -26.97 5.79 18.34
C PRO A 422 -27.57 6.67 17.24
N ALA A 423 -26.81 7.71 16.86
CA ALA A 423 -27.10 8.60 15.69
C ALA A 423 -26.57 8.02 14.37
N SER A 424 -26.04 6.81 14.45
CA SER A 424 -25.42 6.17 13.31
C SER A 424 -26.35 6.13 12.07
N LEU A 425 -25.76 6.37 10.90
CA LEU A 425 -26.49 6.25 9.66
C LEU A 425 -26.78 4.77 9.36
N ALA A 426 -26.06 3.88 10.01
CA ALA A 426 -26.36 2.44 9.93
C ALA A 426 -27.71 2.07 10.58
N LYS A 427 -28.23 2.93 11.44
CA LYS A 427 -29.44 2.63 12.19
C LYS A 427 -30.66 3.51 11.83
N ASP A 428 -30.45 4.55 11.02
CA ASP A 428 -31.51 5.37 10.45
C ASP A 428 -32.06 4.72 9.17
N SER A 429 -33.25 4.13 9.27
CA SER A 429 -33.80 3.42 8.13
C SER A 429 -34.09 4.35 6.94
N THR A 430 -33.94 5.65 7.12
CA THR A 430 -34.27 6.54 6.01
C THR A 430 -33.09 6.60 5.08
N TRP A 431 -32.00 5.90 5.45
CA TRP A 431 -30.79 5.82 4.64
C TRP A 431 -30.63 4.44 4.07
N LEU A 432 -31.62 3.59 4.28
CA LEU A 432 -31.53 2.25 3.69
C LEU A 432 -31.40 2.34 2.16
N PRO A 433 -32.26 3.15 1.51
CA PRO A 433 -32.22 3.23 0.01
C PRO A 433 -30.82 3.58 -0.53
N ALA A 434 -30.12 4.50 0.14
CA ALA A 434 -28.76 4.84 -0.22
C ALA A 434 -27.86 3.60 -0.05
N HIS A 435 -27.89 2.97 1.13
CA HIS A 435 -27.08 1.77 1.42
C HIS A 435 -27.26 0.61 0.47
N ILE A 436 -28.51 0.26 0.19
CA ILE A 436 -28.79 -0.85 -0.67
C ILE A 436 -28.51 -0.49 -2.13
N ASP A 437 -28.68 0.78 -2.47
CA ASP A 437 -28.32 1.20 -3.80
C ASP A 437 -26.81 1.06 -3.96
N ARG A 438 -26.07 1.51 -2.95
CA ARG A 438 -24.63 1.42 -3.10
C ARG A 438 -24.17 -0.01 -3.19
N THR A 439 -24.89 -0.92 -2.54
CA THR A 439 -24.48 -2.30 -2.46
C THR A 439 -24.82 -3.07 -3.73
N ARG A 440 -26.07 -2.95 -4.20
CA ARG A 440 -26.47 -3.58 -5.47
C ARG A 440 -25.51 -3.23 -6.60
N ARG A 441 -25.14 -1.95 -6.67
CA ARG A 441 -24.29 -1.44 -7.73
C ARG A 441 -22.92 -2.09 -7.67
N TYR A 443 -22.24 -5.06 -6.26
CA TYR A 443 -22.45 -6.43 -6.68
C TYR A 443 -22.59 -6.60 -8.22
N GLU A 444 -23.48 -5.84 -8.83
CA GLU A 444 -23.87 -6.12 -10.21
C GLU A 444 -22.70 -5.98 -11.20
N ARG A 445 -21.94 -4.89 -11.04
CA ARG A 445 -20.90 -4.57 -11.97
C ARG A 445 -19.71 -5.57 -11.95
N SER A 446 -19.57 -6.31 -10.84
CA SER A 446 -18.41 -7.21 -10.67
C SER A 446 -18.70 -8.69 -10.41
N LYS A 447 -19.95 -9.07 -10.21
CA LYS A 447 -20.33 -10.47 -10.01
C LYS A 447 -19.70 -11.62 -10.87
N ASN A 448 -19.15 -11.33 -12.04
CA ASN A 448 -18.63 -12.42 -12.87
C ASN A 448 -17.12 -12.46 -12.90
N HIS A 449 -16.47 -11.63 -12.09
CA HIS A 449 -15.04 -11.65 -11.96
C HIS A 449 -14.65 -12.74 -10.96
N PRO A 450 -13.79 -13.67 -11.39
CA PRO A 450 -13.23 -14.67 -10.50
C PRO A 450 -12.27 -14.06 -9.50
N SER A 451 -11.63 -12.96 -9.87
CA SER A 451 -10.69 -12.33 -8.95
C SER A 451 -11.38 -11.82 -7.66
N VAL A 452 -12.69 -11.54 -7.72
CA VAL A 452 -13.40 -11.05 -6.56
C VAL A 452 -13.78 -12.24 -5.68
N VAL A 453 -13.17 -12.31 -4.51
CA VAL A 453 -13.44 -13.47 -3.65
C VAL A 453 -14.31 -13.18 -2.43
N ILE A 454 -14.28 -11.95 -1.94
CA ILE A 454 -15.08 -11.56 -0.77
C ILE A 454 -15.85 -10.26 -1.05
N TRP A 455 -17.12 -10.18 -0.69
CA TRP A 455 -17.80 -8.88 -0.70
C TRP A 455 -17.72 -8.29 0.70
N SER A 456 -17.50 -6.98 0.77
CA SER A 456 -17.47 -6.27 2.04
C SER A 456 -18.59 -5.21 2.05
N LEU A 457 -19.20 -4.98 3.20
CA LEU A 457 -20.40 -4.13 3.25
C LEU A 457 -20.18 -2.61 3.35
N GLY A 458 -18.96 -2.18 3.59
CA GLY A 458 -18.75 -0.77 3.90
C GLY A 458 -17.59 -0.66 4.84
N ASN A 459 -17.41 0.48 5.53
CA ASN A 459 -16.19 0.58 6.32
C ASN A 459 -16.19 1.08 7.73
N GLU A 460 -16.38 2.37 7.89
CA GLU A 460 -16.41 2.80 9.26
C GLU A 460 -17.74 3.45 9.36
N ALA A 461 -18.76 2.61 9.25
CA ALA A 461 -20.09 3.12 9.11
C ALA A 461 -20.99 2.61 10.20
N GLY A 462 -20.47 1.91 11.21
CA GLY A 462 -21.34 1.44 12.32
C GLY A 462 -22.15 0.18 11.93
N ASN A 463 -22.77 -0.48 12.93
CA ASN A 463 -23.67 -1.63 12.66
C ASN A 463 -25.09 -1.22 12.90
N GLY A 464 -26.02 -1.89 12.25
CA GLY A 464 -27.43 -1.67 12.51
C GLY A 464 -28.30 -2.32 11.46
N ILE A 465 -29.57 -1.95 11.49
CA ILE A 465 -30.54 -2.49 10.56
C ILE A 465 -30.19 -2.31 9.07
N ASN A 466 -29.57 -1.18 8.72
CA ASN A 466 -29.17 -1.00 7.32
C ASN A 466 -28.19 -2.06 6.81
N PHE A 467 -27.16 -2.36 7.60
CA PHE A 467 -26.25 -3.45 7.24
C PHE A 467 -26.84 -4.86 7.45
N GLU A 468 -27.88 -4.97 8.26
CA GLU A 468 -28.57 -6.23 8.32
C GLU A 468 -29.33 -6.45 7.05
N ARG A 469 -29.95 -5.41 6.50
CA ARG A 469 -30.69 -5.56 5.23
C ARG A 469 -29.73 -5.73 4.05
N THR A 470 -28.63 -4.99 4.11
CA THR A 470 -27.59 -5.12 3.12
C THR A 470 -26.99 -6.51 3.11
N TYR A 471 -26.57 -6.98 4.28
CA TYR A 471 -26.10 -8.37 4.43
C TYR A 471 -27.17 -9.36 3.97
N ASP A 472 -28.39 -9.23 4.48
CA ASP A 472 -29.46 -10.17 4.10
C ASP A 472 -29.63 -10.24 2.58
N TRP A 473 -29.87 -9.08 1.96
CA TRP A 473 -30.02 -9.00 0.51
C TRP A 473 -28.84 -9.63 -0.22
N LEU A 474 -27.61 -9.26 0.14
CA LEU A 474 -26.44 -9.77 -0.55
C LEU A 474 -26.37 -11.29 -0.49
N LYS A 475 -26.66 -11.85 0.69
CA LYS A 475 -26.61 -13.29 0.91
C LYS A 475 -27.66 -13.98 0.05
N SER A 476 -28.75 -13.27 -0.24
CA SER A 476 -29.84 -13.88 -0.98
C SER A 476 -29.51 -14.03 -2.48
N VAL A 477 -28.64 -13.17 -3.01
CA VAL A 477 -28.27 -13.26 -4.44
C VAL A 477 -26.89 -13.88 -4.61
N GLU A 478 -26.07 -13.85 -3.57
CA GLU A 478 -24.73 -14.41 -3.67
C GLU A 478 -24.58 -15.68 -2.82
N LYS A 479 -24.46 -16.84 -3.46
CA LYS A 479 -24.30 -18.05 -2.66
C LYS A 479 -22.84 -18.48 -2.57
N ASN A 480 -21.99 -17.88 -3.41
CA ASN A 480 -20.65 -18.42 -3.66
C ASN A 480 -19.47 -17.53 -3.35
N ARG A 481 -19.69 -16.54 -2.50
CA ARG A 481 -18.64 -15.68 -1.98
C ARG A 481 -19.04 -15.31 -0.56
N PRO A 482 -18.10 -15.32 0.36
CA PRO A 482 -18.33 -14.83 1.69
C PRO A 482 -18.68 -13.35 1.67
N VAL A 483 -19.38 -12.87 2.69
CA VAL A 483 -19.66 -11.46 2.79
C VAL A 483 -19.18 -10.97 4.14
N GLN A 484 -18.28 -10.00 4.20
CA GLN A 484 -17.83 -9.52 5.52
C GLN A 484 -18.26 -8.09 5.85
N TYR A 485 -18.15 -7.71 7.12
CA TYR A 485 -18.31 -6.30 7.51
C TYR A 485 -17.55 -6.04 8.79
N GLU A 486 -16.53 -5.20 8.77
CA GLU A 486 -15.69 -4.99 9.95
C GLU A 486 -16.41 -4.42 11.18
N ARG A 487 -17.41 -3.56 11.01
CA ARG A 487 -18.05 -2.96 12.20
C ARG A 487 -19.10 -3.90 12.77
N ALA A 488 -19.27 -5.05 12.12
CA ALA A 488 -20.26 -6.02 12.59
C ALA A 488 -19.75 -6.70 13.85
N GLU A 489 -18.43 -6.81 13.96
CA GLU A 489 -17.78 -7.45 15.07
C GLU A 489 -18.14 -8.94 15.15
N GLU A 490 -18.96 -9.35 16.13
CA GLU A 490 -19.36 -10.77 16.20
C GLU A 490 -20.82 -11.05 15.87
N ASN A 491 -21.58 -10.00 15.58
CA ASN A 491 -22.98 -10.17 15.19
C ASN A 491 -23.09 -11.00 13.89
N TYR A 492 -24.29 -11.47 13.58
CA TYR A 492 -24.44 -12.48 12.49
C TYR A 492 -24.00 -11.94 11.13
N ASN A 493 -24.29 -10.66 10.88
CA ASN A 493 -24.04 -10.04 9.55
C ASN A 493 -22.57 -9.83 9.11
N THR A 494 -21.76 -10.86 9.29
CA THR A 494 -20.42 -10.85 8.76
C THR A 494 -19.94 -12.29 8.72
N ASP A 495 -19.33 -12.70 7.61
CA ASP A 495 -18.90 -14.09 7.45
C ASP A 495 -17.46 -14.30 7.87
N ILE A 496 -16.76 -13.18 8.13
CA ILE A 496 -15.34 -13.20 8.42
C ILE A 496 -15.14 -12.22 9.53
N TYR A 497 -14.28 -12.59 10.48
CA TYR A 497 -14.04 -11.73 11.61
C TYR A 497 -12.94 -10.78 11.15
N CYS A 498 -13.32 -9.52 10.98
CA CYS A 498 -12.49 -8.55 10.29
C CYS A 498 -11.74 -7.62 11.20
N ARG A 499 -12.24 -7.48 12.42
CA ARG A 499 -11.56 -6.68 13.43
C ARG A 499 -10.16 -6.18 12.99
N TYR A 501 -6.48 -3.78 12.93
CA TYR A 501 -5.38 -3.22 13.74
C TYR A 501 -5.22 -3.84 15.14
N ARG A 502 -5.73 -5.05 15.31
CA ARG A 502 -5.66 -5.70 16.61
C ARG A 502 -4.21 -6.12 16.91
N SER A 503 -3.88 -6.15 18.20
CA SER A 503 -2.56 -6.56 18.61
C SER A 503 -2.43 -8.08 18.53
N VAL A 504 -1.17 -8.54 18.40
CA VAL A 504 -0.81 -9.94 18.44
C VAL A 504 -1.58 -10.70 19.55
N ASP A 505 -1.59 -10.13 20.75
CA ASP A 505 -2.28 -10.72 21.87
C ASP A 505 -3.78 -10.87 21.63
N VAL A 506 -4.41 -9.83 21.08
CA VAL A 506 -5.86 -9.84 20.85
C VAL A 506 -6.24 -10.91 19.81
N ILE A 507 -5.40 -11.09 18.80
CA ILE A 507 -5.60 -12.18 17.88
C ILE A 507 -5.51 -13.51 18.63
N ARG A 508 -4.54 -13.64 19.54
CA ARG A 508 -4.41 -14.86 20.32
C ARG A 508 -5.58 -15.08 21.27
N ASN A 509 -6.15 -14.01 21.82
CA ASN A 509 -7.34 -14.21 22.64
C ASN A 509 -8.49 -14.78 21.84
N TYR A 510 -8.57 -14.41 20.57
CA TYR A 510 -9.67 -14.84 19.72
C TYR A 510 -9.60 -16.31 19.29
N VAL A 511 -8.43 -16.75 18.81
CA VAL A 511 -8.30 -18.01 18.08
C VAL A 511 -8.26 -19.25 19.02
N VAL A 512 -8.19 -18.99 20.31
CA VAL A 512 -8.10 -20.05 21.26
C VAL A 512 -9.44 -20.21 21.96
N ARG A 513 -10.42 -19.40 21.54
CA ARG A 513 -11.81 -19.51 22.01
C ARG A 513 -12.41 -20.71 21.32
N LYS A 514 -13.30 -21.43 21.98
CA LYS A 514 -13.90 -22.59 21.32
C LYS A 514 -15.29 -22.36 20.69
N ASP A 515 -15.92 -21.21 20.97
CA ASP A 515 -17.27 -20.91 20.47
C ASP A 515 -17.29 -20.04 19.22
N ILE A 516 -16.21 -20.05 18.44
CA ILE A 516 -16.13 -19.22 17.25
C ILE A 516 -16.22 -20.12 16.06
N TYR A 517 -16.67 -19.56 14.95
CA TYR A 517 -16.87 -20.32 13.74
C TYR A 517 -16.36 -19.57 12.54
N ARG A 518 -15.71 -18.42 12.80
CA ARG A 518 -15.28 -17.52 11.73
C ARG A 518 -13.80 -17.17 11.82
N PRO A 519 -13.07 -17.26 10.69
CA PRO A 519 -11.65 -16.96 10.65
C PRO A 519 -11.39 -15.51 10.98
N PHE A 520 -10.28 -15.29 11.68
CA PHE A 520 -9.78 -13.96 11.97
C PHE A 520 -8.92 -13.47 10.81
N ILE A 521 -9.41 -12.49 10.06
CA ILE A 521 -8.64 -11.93 8.93
C ILE A 521 -8.61 -10.41 9.05
N LEU A 522 -7.42 -9.89 9.30
CA LEU A 522 -7.25 -8.46 9.50
C LEU A 522 -7.59 -7.64 8.26
N CYS A 523 -8.66 -6.88 8.39
CA CYS A 523 -9.16 -6.05 7.30
C CYS A 523 -8.12 -4.98 6.96
N GLU A 524 -7.59 -4.39 8.03
CA GLU A 524 -6.51 -3.42 7.97
C GLU A 524 -5.54 -3.75 9.11
N TYR A 525 -4.24 -3.71 8.86
CA TYR A 525 -3.30 -3.94 9.91
C TYR A 525 -1.97 -3.36 9.48
N LEU A 526 -1.07 -3.11 10.43
CA LEU A 526 0.32 -2.77 10.13
C LEU A 526 0.35 -1.46 9.37
N HIS A 527 -0.20 -0.43 10.01
CA HIS A 527 -0.34 0.88 9.44
C HIS A 527 1.02 1.33 8.93
N ALA A 528 1.15 1.46 7.60
CA ALA A 528 2.43 1.74 6.92
C ALA A 528 2.80 3.23 6.77
N GLY A 530 4.72 6.74 7.26
CA GLY A 530 6.10 7.14 7.43
C GLY A 530 7.00 5.93 7.55
N ASN A 531 8.00 6.03 8.42
CA ASN A 531 8.97 4.98 8.67
C ASN A 531 8.34 3.94 9.60
N SER A 532 7.82 2.83 9.05
CA SER A 532 6.85 2.03 9.80
C SER A 532 6.89 0.51 9.54
N CYS A 533 5.77 -0.17 9.83
CA CYS A 533 5.66 -1.62 9.64
C CYS A 533 6.62 -2.40 10.55
N GLY A 534 6.84 -1.86 11.74
CA GLY A 534 7.53 -2.60 12.76
C GLY A 534 6.63 -3.71 13.27
N GLY A 535 7.27 -4.77 13.75
CA GLY A 535 6.55 -5.84 14.41
C GLY A 535 5.86 -6.76 13.43
N LYS A 537 7.04 -9.29 11.80
CA LYS A 537 7.41 -10.68 11.98
C LYS A 537 6.45 -11.35 12.95
N GLU A 538 6.08 -10.59 13.97
CA GLU A 538 5.31 -11.16 15.06
C GLU A 538 3.90 -11.49 14.63
N TYR A 539 3.31 -10.63 13.79
CA TYR A 539 1.99 -10.91 13.22
C TYR A 539 2.07 -12.22 12.46
N TRP A 540 3.12 -12.40 11.67
CA TRP A 540 3.20 -13.60 10.85
C TRP A 540 3.57 -14.89 11.57
N GLU A 541 4.34 -14.81 12.67
CA GLU A 541 4.44 -15.98 13.50
C GLU A 541 3.06 -16.46 13.92
N VAL A 542 2.12 -15.54 14.12
CA VAL A 542 0.76 -15.94 14.50
C VAL A 542 -0.04 -16.51 13.33
N PHE A 543 -0.04 -15.83 12.21
CA PHE A 543 -0.83 -16.28 11.08
C PHE A 543 -0.31 -17.61 10.56
N GLU A 544 1.01 -17.72 10.49
CA GLU A 544 1.66 -18.90 9.97
C GLU A 544 1.55 -20.12 10.90
N ASN A 545 1.02 -19.92 12.12
CA ASN A 545 0.83 -21.02 13.11
C ASN A 545 -0.59 -21.16 13.60
N GLU A 546 -1.44 -20.19 13.29
CA GLU A 546 -2.84 -20.30 13.68
C GLU A 546 -3.66 -20.68 12.48
N PRO A 547 -4.28 -21.87 12.53
CA PRO A 547 -5.09 -22.26 11.37
C PRO A 547 -6.23 -21.28 11.16
N ALA A 549 -6.19 -17.62 12.14
CA ALA A 549 -5.91 -16.24 11.86
C ALA A 549 -5.14 -16.29 10.55
N GLN A 550 -5.82 -15.96 9.45
CA GLN A 550 -5.27 -16.21 8.12
C GLN A 550 -4.61 -15.01 7.46
N GLY A 551 -4.23 -14.03 8.27
CA GLY A 551 -3.52 -12.84 7.79
C GLY A 551 -4.45 -11.67 7.61
N GLY A 552 -4.11 -10.79 6.66
CA GLY A 552 -4.84 -9.56 6.45
C GLY A 552 -4.22 -8.59 5.45
N CYS A 553 -4.69 -7.37 5.48
CA CYS A 553 -4.34 -6.42 4.46
C CYS A 553 -3.68 -5.27 5.08
N ILE A 554 -2.47 -5.00 4.62
CA ILE A 554 -1.69 -3.87 5.12
C ILE A 554 -2.35 -2.55 4.72
N TRP A 555 -2.36 -1.61 5.66
CA TRP A 555 -2.82 -0.29 5.33
C TRP A 555 -1.67 0.68 5.17
N ASP A 556 -1.40 1.14 3.94
CA ASP A 556 -2.07 0.68 2.72
C ASP A 556 -1.05 0.64 1.60
N TRP A 557 -1.53 0.73 0.35
CA TRP A 557 -0.63 0.56 -0.78
C TRP A 557 0.13 1.82 -1.12
N VAL A 558 -0.57 2.91 -1.37
CA VAL A 558 0.09 4.06 -1.95
C VAL A 558 -0.16 5.32 -1.16
N ASP A 559 0.90 6.07 -0.90
CA ASP A 559 0.74 7.38 -0.24
C ASP A 559 -0.18 8.20 -1.09
N GLN A 560 -1.05 8.96 -0.45
CA GLN A 560 -1.97 9.81 -1.17
C GLN A 560 -1.40 11.20 -1.13
N SER A 561 -0.40 11.47 -1.96
CA SER A 561 0.27 12.74 -1.82
C SER A 561 0.36 13.41 -3.16
N PHE A 562 0.65 14.71 -3.17
CA PHE A 562 0.85 15.41 -4.45
C PHE A 562 2.26 16.02 -4.50
N ARG A 563 2.94 15.87 -5.62
CA ARG A 563 4.26 16.41 -5.73
C ARG A 563 4.15 17.84 -6.20
N GLU A 564 4.79 18.78 -5.51
CA GLU A 564 4.86 20.16 -5.96
C GLU A 564 6.31 20.58 -6.10
N VAL A 565 6.54 21.79 -6.58
CA VAL A 565 7.89 22.31 -6.72
C VAL A 565 7.92 23.71 -6.19
N ASP A 566 8.85 24.01 -5.30
CA ASP A 566 8.88 25.33 -4.68
C ASP A 566 9.62 26.34 -5.57
N LYS A 567 9.77 27.59 -5.11
CA LYS A 567 10.36 28.64 -5.95
C LYS A 567 11.87 28.41 -6.28
N ASP A 568 12.51 27.43 -5.65
CA ASP A 568 13.89 27.17 -6.03
C ASP A 568 14.06 25.84 -6.76
N GLY A 569 13.00 25.19 -7.16
CA GLY A 569 13.19 23.93 -7.85
C GLY A 569 13.31 22.71 -6.95
N LYS A 570 12.99 22.91 -5.67
CA LYS A 570 12.98 21.85 -4.72
C LYS A 570 11.59 21.24 -4.67
N TRP A 571 11.51 19.95 -4.98
CA TRP A 571 10.25 19.24 -4.99
C TRP A 571 9.88 18.75 -3.60
N TYR A 572 8.61 18.48 -3.37
CA TYR A 572 8.19 17.95 -2.10
C TYR A 572 6.80 17.32 -2.16
N TRP A 573 6.48 16.48 -1.16
CA TRP A 573 5.15 15.90 -1.04
C TRP A 573 4.15 16.77 -0.23
N THR A 574 2.90 16.82 -0.65
CA THR A 574 1.95 17.63 0.13
C THR A 574 0.98 16.73 0.91
N TYR A 575 0.29 17.30 1.89
CA TYR A 575 -0.72 16.58 2.65
C TYR A 575 -1.73 17.57 3.27
N GLY A 576 -2.44 17.20 4.31
CA GLY A 576 -3.50 18.05 4.86
C GLY A 576 -2.98 19.44 5.20
N GLY A 577 -3.80 20.46 4.92
CA GLY A 577 -3.47 21.85 5.28
C GLY A 577 -2.65 22.55 4.21
N ASP A 578 -2.30 21.84 3.17
CA ASP A 578 -1.32 22.37 2.27
C ASP A 578 -1.92 23.20 1.12
N TYR A 579 -3.21 23.03 0.88
CA TYR A 579 -3.90 23.88 -0.07
C TYR A 579 -5.04 24.58 0.65
N GLY A 580 -5.28 25.84 0.31
CA GLY A 580 -6.35 26.62 0.92
C GLY A 580 -5.87 27.72 1.84
N PRO A 581 -6.80 28.38 2.54
CA PRO A 581 -6.43 29.38 3.52
C PRO A 581 -5.90 28.74 4.80
N LYS A 582 -5.64 29.55 5.84
CA LYS A 582 -4.85 29.07 6.97
C LYS A 582 -5.52 28.01 7.86
N ASP A 583 -6.79 28.24 8.19
CA ASP A 583 -7.52 27.31 9.06
C ASP A 583 -8.35 26.31 8.26
N VAL A 584 -7.95 26.05 7.02
CA VAL A 584 -8.62 25.04 6.21
C VAL A 584 -8.68 23.70 6.96
N PRO A 585 -9.86 23.05 6.96
CA PRO A 585 -9.90 21.71 7.56
C PRO A 585 -8.64 20.91 7.21
N SER A 586 -8.19 20.03 8.12
CA SER A 586 -6.95 19.30 7.88
C SER A 586 -6.60 18.22 8.91
N PHE A 587 -6.29 17.02 8.44
CA PHE A 587 -5.71 16.02 9.30
C PHE A 587 -4.25 15.70 8.92
N GLY A 588 -3.47 16.72 8.54
CA GLY A 588 -2.01 16.59 8.32
C GLY A 588 -1.62 15.45 7.39
N ASN A 589 -0.48 14.81 7.67
CA ASN A 589 0.05 13.77 6.77
C ASN A 589 -0.56 12.41 6.91
N PHE A 590 -1.71 12.32 7.57
CA PHE A 590 -2.29 11.02 7.89
C PHE A 590 -2.93 10.31 6.69
N CYS A 591 -2.99 11.01 5.56
CA CYS A 591 -3.43 10.41 4.31
C CYS A 591 -2.30 9.63 3.62
N CYS A 592 -1.06 9.79 4.10
CA CYS A 592 0.09 9.07 3.55
C CYS A 592 0.47 7.87 4.37
N ASN A 593 0.04 6.68 3.94
CA ASN A 593 0.27 5.46 4.74
C ASN A 593 0.76 4.28 3.94
N GLY A 594 1.53 4.54 2.87
CA GLY A 594 1.67 3.53 1.82
C GLY A 594 2.91 2.68 1.90
N LEU A 595 2.88 1.52 1.22
CA LEU A 595 4.10 0.79 0.97
C LEU A 595 4.88 1.42 -0.19
N VAL A 596 4.22 2.26 -0.97
CA VAL A 596 4.95 3.03 -1.95
C VAL A 596 4.68 4.52 -1.82
N ASN A 597 5.56 5.35 -2.35
CA ASN A 597 5.27 6.77 -2.44
C ASN A 597 4.23 7.02 -3.57
N ALA A 598 3.79 8.27 -3.74
CA ALA A 598 2.65 8.53 -4.66
C ALA A 598 2.98 8.19 -6.11
N VAL A 599 4.26 8.14 -6.46
CA VAL A 599 4.56 7.76 -7.82
C VAL A 599 5.13 6.38 -7.88
N ARG A 600 4.68 5.54 -6.95
CA ARG A 600 5.01 4.12 -6.92
C ARG A 600 6.50 3.78 -6.75
N GLU A 601 7.27 4.65 -6.12
CA GLU A 601 8.57 4.25 -5.69
C GLU A 601 8.43 3.66 -4.29
N PRO A 602 9.00 2.47 -4.08
CA PRO A 602 8.80 1.75 -2.82
C PRO A 602 9.47 2.42 -1.61
N HIS A 603 8.82 2.38 -0.45
CA HIS A 603 9.47 2.76 0.78
C HIS A 603 10.24 1.55 1.34
N PRO A 604 11.27 1.77 2.18
CA PRO A 604 12.01 0.68 2.77
C PRO A 604 11.10 -0.40 3.29
N HIS A 605 10.13 -0.04 4.14
CA HIS A 605 9.31 -1.07 4.74
C HIS A 605 8.66 -2.04 3.79
N LEU A 606 8.60 -1.66 2.51
CA LEU A 606 8.02 -2.54 1.51
C LEU A 606 8.92 -3.74 1.25
N LEU A 607 10.23 -3.55 1.37
CA LEU A 607 11.15 -4.70 1.21
C LEU A 607 11.00 -5.71 2.37
N GLU A 608 10.60 -5.22 3.53
CA GLU A 608 10.28 -6.10 4.59
C GLU A 608 9.08 -6.95 4.25
N VAL A 609 8.07 -6.33 3.62
CA VAL A 609 6.86 -7.03 3.26
C VAL A 609 7.11 -8.11 2.22
N LYS A 610 7.96 -7.83 1.24
CA LYS A 610 8.35 -8.85 0.29
C LYS A 610 9.00 -10.05 1.01
N LYS A 611 9.82 -9.76 2.03
CA LYS A 611 10.49 -10.83 2.75
C LYS A 611 9.54 -11.72 3.57
N ILE A 612 8.70 -11.11 4.38
CA ILE A 612 7.76 -11.84 5.22
C ILE A 612 6.63 -12.47 4.43
N TYR A 613 6.28 -11.88 3.29
CA TYR A 613 5.20 -12.42 2.49
C TYR A 613 5.72 -13.48 1.54
N GLN A 614 7.03 -13.67 1.46
CA GLN A 614 7.56 -14.68 0.54
C GLN A 614 6.96 -16.08 0.80
N ASN A 615 7.04 -16.96 -0.20
CA ASN A 615 6.30 -18.23 -0.13
C ASN A 615 7.18 -19.45 0.06
N ILE A 616 8.48 -19.19 0.11
CA ILE A 616 9.47 -20.21 0.32
C ILE A 616 10.33 -19.77 1.49
N LYS A 617 10.01 -20.31 2.67
CA LYS A 617 10.76 -19.98 3.88
C LYS A 617 11.62 -21.17 4.35
N SER A 618 12.80 -20.84 4.84
CA SER A 618 13.80 -21.83 5.15
C SER A 618 14.48 -21.54 6.47
N THR A 619 14.93 -22.62 7.10
CA THR A 619 15.77 -22.52 8.28
C THR A 619 17.01 -23.40 8.09
N LEU A 620 18.13 -22.99 8.70
CA LEU A 620 19.34 -23.81 8.78
C LEU A 620 19.15 -24.81 9.92
N ILE A 621 19.20 -26.09 9.59
CA ILE A 621 18.83 -27.14 10.54
C ILE A 621 20.07 -27.89 11.07
N ASP A 622 21.13 -27.91 10.25
CA ASP A 622 22.41 -28.52 10.58
C ASP A 622 23.59 -27.73 10.01
N LYS A 623 24.29 -27.03 10.89
CA LYS A 623 25.40 -26.16 10.51
C LYS A 623 26.55 -26.87 9.82
N LYS A 624 26.81 -28.12 10.16
CA LYS A 624 28.02 -28.77 9.63
C LYS A 624 27.82 -29.24 8.18
N ASN A 625 26.69 -29.88 7.92
CA ASN A 625 26.37 -30.33 6.55
C ASN A 625 25.71 -29.22 5.70
N LEU A 626 25.31 -28.13 6.35
CA LEU A 626 24.51 -27.09 5.73
C LEU A 626 23.22 -27.73 5.24
N THR A 627 22.45 -28.23 6.17
CA THR A 627 21.20 -28.85 5.84
C THR A 627 20.08 -27.89 6.19
N VAL A 628 19.22 -27.62 5.20
CA VAL A 628 18.14 -26.66 5.38
C VAL A 628 16.76 -27.34 5.33
N ARG A 629 15.88 -26.91 6.22
CA ARG A 629 14.48 -27.28 6.11
C ARG A 629 13.75 -26.23 5.25
N VAL A 630 13.05 -26.70 4.21
CA VAL A 630 12.31 -25.77 3.36
C VAL A 630 10.80 -25.98 3.43
N LYS A 631 10.12 -24.91 3.83
CA LYS A 631 8.67 -24.92 3.90
C LYS A 631 8.04 -24.20 2.71
N ASN A 632 7.09 -24.86 2.05
CA ASN A 632 6.46 -24.33 0.86
C ASN A 632 5.13 -23.70 1.19
N TRP A 633 5.14 -22.38 1.31
CA TRP A 633 3.95 -21.64 1.71
C TRP A 633 3.00 -21.30 0.58
N PHE A 634 3.32 -21.73 -0.64
CA PHE A 634 2.43 -21.56 -1.77
C PHE A 634 1.18 -22.36 -1.56
N ASP A 635 0.07 -21.92 -2.15
CA ASP A 635 -1.15 -22.71 -2.03
C ASP A 635 -1.43 -23.67 -3.17
N PHE A 636 -0.85 -23.40 -4.35
CA PHE A 636 -1.19 -24.19 -5.55
C PHE A 636 0.02 -24.35 -6.44
N SER A 637 1.20 -24.13 -5.89
CA SER A 637 2.42 -24.31 -6.68
C SER A 637 3.41 -25.29 -6.01
N ASP A 638 4.00 -26.18 -6.80
CA ASP A 638 5.01 -27.07 -6.26
C ASP A 638 6.32 -26.33 -6.32
N LEU A 639 7.25 -26.63 -5.43
CA LEU A 639 8.54 -25.95 -5.55
C LEU A 639 9.27 -26.34 -6.82
N ASN A 640 8.83 -27.39 -7.50
CA ASN A 640 9.44 -27.74 -8.79
C ASN A 640 9.23 -26.69 -9.89
N GLU A 641 8.58 -25.59 -9.53
CA GLU A 641 8.49 -24.46 -10.46
C GLU A 641 9.66 -23.49 -10.28
N TYR A 642 10.47 -23.70 -9.26
CA TYR A 642 11.49 -22.71 -8.91
C TYR A 642 12.91 -23.26 -9.02
N ILE A 643 13.89 -22.42 -8.74
CA ILE A 643 15.26 -22.83 -8.78
C ILE A 643 15.90 -22.18 -7.59
N LEU A 644 16.48 -22.97 -6.71
CA LEU A 644 17.27 -22.45 -5.63
C LEU A 644 18.65 -22.11 -6.13
N HIS A 645 19.13 -20.94 -5.76
CA HIS A 645 20.54 -20.61 -5.87
C HIS A 645 21.09 -20.44 -4.44
N TRP A 646 22.20 -21.08 -4.13
CA TRP A 646 22.75 -20.93 -2.78
C TRP A 646 24.20 -20.51 -2.87
N LYS A 647 24.71 -19.94 -1.79
CA LYS A 647 26.11 -19.62 -1.80
C LYS A 647 26.63 -19.26 -0.42
N VAL A 648 27.86 -19.66 -0.14
CA VAL A 648 28.52 -19.33 1.13
C VAL A 648 29.55 -18.24 0.84
N THR A 649 29.65 -17.24 1.71
CA THR A 649 30.52 -16.11 1.42
C THR A 649 31.15 -15.62 2.71
N GLY A 650 32.41 -15.23 2.62
CA GLY A 650 33.16 -14.82 3.79
C GLY A 650 33.10 -13.31 3.95
N ASP A 651 33.32 -12.85 5.17
CA ASP A 651 33.29 -11.43 5.49
C ASP A 651 34.19 -10.60 4.58
N ASP A 652 35.01 -11.25 3.79
CA ASP A 652 35.87 -10.52 2.88
C ASP A 652 35.18 -10.33 1.54
N GLY A 653 34.07 -11.04 1.31
CA GLY A 653 33.34 -10.92 0.05
C GLY A 653 33.93 -11.86 -1.00
N THR A 654 34.23 -13.07 -0.56
CA THR A 654 34.81 -14.05 -1.44
C THR A 654 33.94 -15.27 -1.40
N VAL A 655 33.34 -15.60 -2.53
CA VAL A 655 32.43 -16.71 -2.57
C VAL A 655 33.23 -17.98 -2.35
N LEU A 656 32.81 -18.78 -1.39
CA LEU A 656 33.53 -20.02 -1.09
C LEU A 656 32.83 -21.23 -1.69
N ALA A 657 31.51 -21.25 -1.63
CA ALA A 657 30.77 -22.31 -2.30
C ALA A 657 29.48 -21.77 -2.86
N GLU A 658 29.12 -22.21 -4.07
CA GLU A 658 27.90 -21.78 -4.73
C GLU A 658 27.35 -22.89 -5.58
N GLY A 659 26.04 -22.89 -5.74
CA GLY A 659 25.40 -23.88 -6.59
C GLY A 659 23.96 -23.53 -6.87
N ASN A 660 23.37 -24.24 -7.83
CA ASN A 660 21.95 -24.15 -8.11
C ASN A 660 21.35 -25.47 -7.69
N LYS A 661 20.06 -25.49 -7.36
CA LYS A 661 19.45 -26.73 -6.86
C LYS A 661 18.00 -26.76 -7.32
N GLU A 662 17.43 -27.96 -7.51
CA GLU A 662 16.04 -28.08 -7.92
C GLU A 662 15.28 -29.07 -7.03
N VAL A 663 14.37 -28.54 -6.22
CA VAL A 663 13.61 -29.34 -5.29
C VAL A 663 12.15 -29.43 -5.72
N ALA A 664 11.58 -30.62 -5.55
CA ALA A 664 10.15 -30.83 -5.61
C ALA A 664 9.58 -30.84 -4.19
N CYS A 665 8.48 -30.12 -3.99
CA CYS A 665 7.86 -30.05 -2.67
C CYS A 665 6.48 -29.51 -2.89
N GLU A 666 5.50 -30.14 -2.27
CA GLU A 666 4.12 -29.77 -2.49
C GLU A 666 3.76 -28.57 -1.63
N PRO A 667 2.78 -27.76 -2.08
CA PRO A 667 2.24 -26.67 -1.27
C PRO A 667 1.99 -27.10 0.18
N HIS A 668 2.44 -26.28 1.12
CA HIS A 668 2.14 -26.48 2.52
C HIS A 668 2.98 -27.62 3.13
N ALA A 669 3.62 -28.43 2.29
CA ALA A 669 4.49 -29.50 2.77
C ALA A 669 5.89 -28.95 2.98
N THR A 670 6.69 -29.67 3.77
CA THR A 670 8.06 -29.28 4.01
C THR A 670 9.04 -30.26 3.39
N VAL A 671 10.28 -29.86 3.25
CA VAL A 671 11.27 -30.72 2.60
C VAL A 671 12.70 -30.38 3.04
N GLU A 672 13.53 -31.40 3.23
CA GLU A 672 14.88 -31.14 3.71
C GLU A 672 15.86 -31.27 2.58
N LEU A 673 16.98 -30.59 2.68
CA LEU A 673 17.86 -30.46 1.57
C LEU A 673 19.21 -30.24 2.23
N THR A 674 20.18 -31.07 1.87
CA THR A 674 21.53 -30.96 2.40
C THR A 674 22.37 -30.25 1.38
N LEU A 675 23.04 -29.18 1.77
CA LEU A 675 23.87 -28.48 0.80
C LEU A 675 25.30 -29.04 0.75
N GLY A 676 25.80 -29.55 1.88
CA GLY A 676 27.16 -30.10 1.95
C GLY A 676 28.04 -29.29 2.87
N ALA A 677 28.99 -29.93 3.54
CA ALA A 677 29.91 -29.15 4.38
C ALA A 677 30.75 -28.25 3.48
N VAL A 678 31.26 -27.13 4.00
CA VAL A 678 32.08 -26.19 3.22
C VAL A 678 33.22 -25.66 4.09
N GLN A 679 34.45 -25.75 3.60
CA GLN A 679 35.59 -25.37 4.44
C GLN A 679 35.84 -23.85 4.51
N LEU A 680 35.61 -23.26 5.67
CA LEU A 680 35.92 -21.84 5.86
C LEU A 680 37.39 -21.67 6.19
N PRO A 681 38.06 -20.75 5.49
CA PRO A 681 39.47 -20.53 5.84
C PRO A 681 39.63 -20.07 7.30
N LYS A 682 40.87 -19.99 7.78
CA LYS A 682 41.08 -19.59 9.15
C LYS A 682 41.28 -18.09 9.20
N THR A 683 41.60 -17.48 8.07
CA THR A 683 41.66 -16.01 8.00
C THR A 683 40.25 -15.34 8.00
N ILE A 684 39.20 -16.08 7.65
CA ILE A 684 37.88 -15.42 7.63
C ILE A 684 37.21 -15.49 8.99
N ARG A 685 36.60 -14.37 9.42
CA ARG A 685 35.98 -14.23 10.75
C ARG A 685 34.50 -14.65 10.83
N GLU A 686 33.75 -14.40 9.75
CA GLU A 686 32.46 -15.10 9.58
C GLU A 686 32.05 -15.32 8.13
N ALA A 687 31.09 -16.23 7.97
CA ALA A 687 30.57 -16.56 6.65
C ALA A 687 29.05 -16.54 6.62
N TYR A 688 28.48 -16.26 5.45
CA TYR A 688 27.05 -16.17 5.31
C TYR A 688 26.60 -17.20 4.29
N LEU A 689 25.53 -17.93 4.59
CA LEU A 689 24.93 -18.81 3.59
C LEU A 689 23.69 -18.11 3.05
N ASP A 690 23.73 -17.74 1.78
CA ASP A 690 22.60 -17.09 1.14
C ASP A 690 21.86 -18.08 0.32
N LEU A 691 20.55 -18.08 0.45
CA LEU A 691 19.66 -18.88 -0.38
C LEU A 691 18.77 -17.90 -1.16
N GLY A 692 18.69 -18.05 -2.48
CA GLY A 692 17.74 -17.29 -3.29
C GLY A 692 16.91 -18.14 -4.25
N TRP A 693 15.64 -17.80 -4.45
CA TRP A 693 14.81 -18.57 -5.37
C TRP A 693 14.27 -17.75 -6.54
N THR A 694 14.26 -18.36 -7.72
CA THR A 694 13.69 -17.73 -8.91
C THR A 694 12.79 -18.71 -9.63
N ARG A 695 11.94 -18.19 -10.51
CA ARG A 695 11.06 -19.06 -11.29
C ARG A 695 11.69 -19.54 -12.58
N LYS A 696 11.35 -20.77 -12.93
CA LYS A 696 11.79 -21.41 -14.15
C LYS A 696 11.13 -20.75 -15.34
N LYS A 697 9.85 -20.40 -15.21
CA LYS A 697 9.09 -19.69 -16.28
C LYS A 697 8.66 -18.29 -15.87
N SER A 698 8.88 -17.33 -16.76
CA SER A 698 8.39 -15.97 -16.51
C SER A 698 6.86 -15.84 -16.53
N THR A 699 6.35 -14.80 -15.84
CA THR A 699 5.05 -14.28 -16.13
C THR A 699 5.35 -12.97 -16.80
N PRO A 700 4.31 -12.29 -17.34
CA PRO A 700 4.64 -11.01 -17.97
C PRO A 700 4.95 -9.98 -16.92
N LEU A 701 4.90 -10.35 -15.65
CA LEU A 701 5.17 -9.39 -14.59
C LEU A 701 6.45 -9.65 -13.82
N VAL A 702 6.96 -10.86 -13.88
CA VAL A 702 8.12 -11.25 -13.11
C VAL A 702 9.01 -12.08 -14.00
N ASP A 703 10.19 -11.55 -14.33
CA ASP A 703 11.11 -12.33 -15.14
C ASP A 703 11.83 -13.40 -14.31
N THR A 704 12.68 -14.18 -14.99
CA THR A 704 13.31 -15.33 -14.35
C THR A 704 14.57 -14.99 -13.57
N ALA A 705 14.85 -13.71 -13.41
CA ALA A 705 16.04 -13.29 -12.68
C ALA A 705 15.61 -12.59 -11.39
N TRP A 706 14.30 -12.52 -11.18
CA TRP A 706 13.78 -11.77 -10.05
C TRP A 706 13.74 -12.66 -8.84
N GLU A 707 14.42 -12.25 -7.79
CA GLU A 707 14.54 -13.11 -6.60
C GLU A 707 13.24 -13.17 -5.77
N ILE A 708 12.42 -14.20 -5.96
CA ILE A 708 11.09 -14.20 -5.34
C ILE A 708 11.03 -14.58 -3.88
N ALA A 709 12.12 -15.11 -3.36
CA ALA A 709 12.21 -15.47 -1.91
C ALA A 709 13.67 -15.68 -1.52
N TYR A 710 14.09 -15.13 -0.39
CA TYR A 710 15.44 -15.40 0.02
C TYR A 710 15.60 -15.62 1.50
N ASP A 711 16.81 -16.01 1.88
CA ASP A 711 17.09 -16.34 3.26
C ASP A 711 18.61 -16.32 3.46
N GLN A 712 19.08 -15.72 4.55
CA GLN A 712 20.51 -15.75 4.84
C GLN A 712 20.79 -16.30 6.23
N PHE A 713 21.89 -17.00 6.39
CA PHE A 713 22.19 -17.57 7.70
C PHE A 713 23.62 -17.28 8.06
N VAL A 714 23.84 -16.94 9.33
CA VAL A 714 25.19 -16.55 9.75
C VAL A 714 26.06 -17.76 10.18
N LEU A 715 27.25 -17.91 9.59
CA LEU A 715 28.15 -19.05 9.93
C LEU A 715 29.42 -18.55 10.63
N PRO A 716 29.49 -18.71 11.95
CA PRO A 716 30.67 -18.25 12.70
C PRO A 716 31.89 -19.00 12.21
N ALA A 717 33.02 -18.30 12.11
CA ALA A 717 34.29 -18.85 11.66
C ALA A 717 35.38 -18.47 12.68
N SER A 718 36.64 -18.82 12.42
CA SER A 718 37.64 -18.76 13.49
C SER A 718 38.52 -17.52 13.52
N GLY A 719 38.48 -16.74 12.43
CA GLY A 719 39.26 -15.51 12.33
C GLY A 719 39.08 -14.58 13.50
N LYS A 720 40.14 -13.89 13.90
CA LYS A 720 40.02 -13.00 15.06
C LYS A 720 39.67 -11.57 14.65
N VAL A 721 39.98 -11.27 13.41
CA VAL A 721 39.89 -9.92 12.89
C VAL A 721 39.01 -9.81 11.59
N TRP A 722 38.35 -8.68 11.38
CA TRP A 722 37.58 -8.49 10.13
C TRP A 722 38.51 -8.31 8.93
N ASN A 723 38.40 -9.17 7.93
CA ASN A 723 39.26 -8.99 6.75
C ASN A 723 39.18 -7.58 6.26
N GLY A 724 38.38 -6.78 6.94
CA GLY A 724 38.21 -5.40 6.54
C GLY A 724 39.13 -4.45 7.29
N LYS A 725 39.55 -4.86 8.50
CA LYS A 725 40.42 -4.04 9.34
C LYS A 725 41.60 -3.56 8.53
N PRO A 726 41.79 -2.24 8.52
CA PRO A 726 42.93 -1.61 7.87
C PRO A 726 44.24 -1.82 8.67
N SER A 727 45.35 -1.39 8.10
CA SER A 727 46.61 -1.45 8.82
C SER A 727 47.03 -0.05 9.27
N GLU A 728 47.81 0.02 10.35
CA GLU A 728 48.26 1.31 10.84
C GLU A 728 48.62 2.28 9.71
N ALA A 729 48.04 3.47 9.76
CA ALA A 729 48.18 4.44 8.67
C ALA A 729 48.77 5.80 9.08
N GLY A 730 49.75 5.77 9.98
CA GLY A 730 50.38 7.02 10.38
C GLY A 730 50.03 7.41 11.80
N LYS A 731 50.26 8.68 12.12
CA LYS A 731 50.26 9.09 13.52
C LYS A 731 48.98 9.80 14.00
N THR A 732 48.28 9.12 14.90
CA THR A 732 47.04 9.59 15.46
C THR A 732 47.22 10.53 16.66
N THR A 733 46.45 11.61 16.68
CA THR A 733 46.34 12.45 17.85
C THR A 733 44.87 12.69 18.12
N PHE A 734 44.57 13.20 19.29
CA PHE A 734 43.19 13.40 19.67
C PHE A 734 43.14 14.37 20.84
N GLU A 735 41.96 14.85 21.16
CA GLU A 735 41.81 15.84 22.21
C GLU A 735 40.45 15.66 22.84
N VAL A 736 40.39 15.80 24.16
CA VAL A 736 39.15 15.67 24.91
C VAL A 736 38.83 17.04 25.49
N ASP A 737 37.54 17.35 25.62
CA ASP A 737 37.16 18.69 26.02
C ASP A 737 37.12 18.86 27.54
N GLU A 738 37.82 19.84 28.07
CA GLU A 738 37.83 20.09 29.51
C GLU A 738 36.46 20.12 30.14
N ASN A 739 35.44 20.55 29.38
CA ASN A 739 34.13 20.87 29.96
C ASN A 739 33.05 19.82 29.72
N THR A 740 33.08 19.18 28.55
CA THR A 740 32.01 18.30 28.15
C THR A 740 32.45 16.87 28.25
N GLY A 741 33.75 16.68 28.21
CA GLY A 741 34.31 15.34 28.16
C GLY A 741 34.17 14.71 26.79
N ALA A 742 33.93 15.53 25.78
CA ALA A 742 33.64 14.98 24.46
C ALA A 742 34.92 14.86 23.68
N LEU A 743 34.97 13.93 22.74
CA LEU A 743 36.13 13.79 21.89
C LEU A 743 36.05 14.94 20.94
N LYS A 744 36.87 15.96 21.15
CA LYS A 744 36.77 17.17 20.35
C LYS A 744 37.72 17.26 19.16
N SER A 745 38.69 16.36 19.09
CA SER A 745 39.53 16.28 17.92
C SER A 745 40.06 14.87 17.66
N LEU A 746 40.25 14.52 16.40
CA LEU A 746 40.94 13.31 16.01
C LEU A 746 41.68 13.51 14.68
N CYS A 747 43.00 13.63 14.72
CA CYS A 747 43.77 13.87 13.51
C CYS A 747 44.57 12.67 13.01
N LEU A 748 44.97 12.71 11.73
CA LEU A 748 45.84 11.71 11.17
C LEU A 748 46.91 12.46 10.43
N ASP A 749 48.07 12.58 11.08
CA ASP A 749 49.19 13.37 10.57
C ASP A 749 48.79 14.81 10.49
N GLY A 750 48.00 15.26 11.46
CA GLY A 750 47.64 16.65 11.56
C GLY A 750 46.25 16.94 11.03
N GLU A 751 45.77 16.15 10.06
CA GLU A 751 44.46 16.42 9.45
C GLU A 751 43.28 16.00 10.33
N GLU A 752 42.46 16.98 10.71
CA GLU A 752 41.30 16.79 11.57
C GLU A 752 40.26 15.92 10.90
N LEU A 753 39.54 15.08 11.64
CA LEU A 753 38.53 14.22 11.00
C LEU A 753 37.09 14.56 11.39
N LEU A 754 36.94 15.31 12.46
CA LEU A 754 35.64 15.55 13.01
C LEU A 754 35.27 16.96 12.62
N ALA A 755 34.00 17.14 12.32
CA ALA A 755 33.56 18.48 12.08
C ALA A 755 32.86 18.95 13.34
N SER A 756 32.47 18.00 14.20
CA SER A 756 31.96 18.33 15.55
C SER A 756 32.46 17.29 16.55
N PRO A 757 32.35 17.61 17.85
CA PRO A 757 32.72 16.65 18.92
C PRO A 757 31.87 15.37 18.88
N VAL A 758 32.43 14.28 19.40
CA VAL A 758 31.64 13.09 19.65
C VAL A 758 30.99 13.14 21.04
N THR A 759 29.67 13.00 21.06
CA THR A 759 28.90 13.06 22.27
C THR A 759 27.91 11.91 22.26
N ILE A 760 27.24 11.73 23.38
CA ILE A 760 26.29 10.66 23.55
C ILE A 760 24.92 11.12 23.09
N SER A 761 24.22 10.31 22.30
CA SER A 761 22.89 10.71 21.91
C SER A 761 21.90 9.72 22.42
N LEU A 762 20.70 10.21 22.75
CA LEU A 762 19.62 9.42 23.31
C LEU A 762 18.32 9.57 22.49
N PHE A 763 18.35 10.44 21.47
CA PHE A 763 17.14 10.89 20.79
C PHE A 763 17.23 10.63 19.31
N ARG A 764 16.12 10.38 18.64
CA ARG A 764 16.16 10.42 17.17
C ARG A 764 15.03 11.30 16.66
N PRO A 765 15.24 12.03 15.55
CA PRO A 765 14.13 12.86 15.07
C PRO A 765 12.93 11.97 14.85
N ALA A 766 11.80 12.38 15.44
CA ALA A 766 10.61 11.54 15.50
C ALA A 766 10.19 10.96 14.18
N THR A 767 9.92 9.66 14.12
CA THR A 767 9.19 9.09 12.99
C THR A 767 7.74 9.44 13.21
N ASP A 768 6.85 9.10 12.29
CA ASP A 768 5.44 9.42 12.52
C ASP A 768 4.95 8.57 13.66
N ASN A 769 5.35 7.31 13.65
CA ASN A 769 5.05 6.44 14.77
C ASN A 769 5.59 6.98 16.10
N ASP A 770 6.83 7.45 16.11
CA ASP A 770 7.43 7.91 17.34
C ASP A 770 6.53 8.90 18.02
N ASN A 771 5.80 9.66 17.20
CA ASN A 771 4.96 10.76 17.69
C ASN A 771 3.65 10.28 18.34
N ARG A 772 3.21 9.08 17.99
CA ARG A 772 2.10 8.51 18.70
C ARG A 772 2.49 7.45 19.77
N ASP A 773 3.61 6.75 19.56
CA ASP A 773 4.02 5.65 20.44
C ASP A 773 4.00 5.95 21.94
N ARG A 774 3.35 5.07 22.68
CA ARG A 774 3.29 5.19 24.13
C ARG A 774 4.66 5.48 24.75
N GLY A 776 7.21 6.77 22.92
CA GLY A 776 7.84 7.55 21.87
C GLY A 776 8.29 8.98 22.13
N ALA A 777 8.28 9.77 21.06
CA ALA A 777 8.84 11.11 21.08
C ALA A 777 8.10 12.07 22.01
N LYS A 778 6.89 11.72 22.39
CA LYS A 778 6.19 12.55 23.38
C LYS A 778 7.06 12.57 24.63
N LEU A 779 7.49 11.38 25.10
CA LEU A 779 8.39 11.28 26.27
C LEU A 779 9.78 11.90 26.07
N TRP A 780 10.42 11.53 24.95
CA TRP A 780 11.74 12.09 24.60
C TRP A 780 11.77 13.60 24.61
N ARG A 781 10.84 14.24 23.91
CA ARG A 781 10.94 15.68 23.74
C ARG A 781 10.62 16.35 25.05
N LYS A 782 9.82 15.69 25.89
CA LYS A 782 9.40 16.26 27.16
C LYS A 782 10.48 16.11 28.23
N ALA A 783 11.39 15.15 28.07
CA ALA A 783 12.56 15.05 28.95
C ALA A 783 13.68 15.90 28.39
N GLY A 784 13.44 16.49 27.22
CA GLY A 784 14.44 17.34 26.60
C GLY A 784 15.61 16.59 25.99
N LEU A 785 15.42 15.33 25.62
CA LEU A 785 16.51 14.49 25.12
C LEU A 785 17.09 14.97 23.80
N HIS A 786 16.34 15.82 23.11
CA HIS A 786 16.77 16.34 21.81
C HIS A 786 17.71 17.54 22.01
N THR A 787 18.01 17.89 23.26
CA THR A 787 18.85 19.04 23.57
C THR A 787 19.89 18.77 24.65
N LEU A 788 20.79 17.82 24.44
CA LEU A 788 21.62 17.37 25.53
C LEU A 788 22.95 18.06 25.66
N THR A 789 23.42 18.19 26.88
CA THR A 789 24.78 18.58 27.09
C THR A 789 25.46 17.71 28.12
N GLN A 790 26.79 17.63 28.01
CA GLN A 790 27.62 16.91 28.94
C GLN A 790 28.34 17.91 29.81
N LYS A 791 28.31 17.71 31.11
CA LYS A 791 29.22 18.48 31.97
C LYS A 791 30.20 17.56 32.72
N VAL A 792 31.47 17.95 32.72
CA VAL A 792 32.51 17.17 33.39
C VAL A 792 32.34 17.25 34.90
N VAL A 793 32.34 16.09 35.54
CA VAL A 793 32.39 16.01 36.98
C VAL A 793 33.85 15.85 37.45
N SER A 794 34.60 15.10 36.66
CA SER A 794 35.98 14.84 36.94
C SER A 794 36.58 14.37 35.63
N LEU A 795 37.81 14.80 35.38
CA LEU A 795 38.51 14.47 34.15
C LEU A 795 39.95 14.09 34.50
N LYS A 796 40.35 12.86 34.14
CA LYS A 796 41.75 12.45 34.33
C LYS A 796 42.42 12.14 33.00
N GLU A 797 43.65 12.60 32.85
CA GLU A 797 44.34 12.53 31.56
C GLU A 797 45.74 11.94 31.69
N SER A 798 46.09 11.03 30.79
CA SER A 798 47.50 10.72 30.53
C SER A 798 47.85 11.01 29.08
N LYS A 799 49.11 10.81 28.71
CA LYS A 799 49.57 11.09 27.34
C LYS A 799 48.71 10.45 26.23
N THR A 800 48.16 9.26 26.51
CA THR A 800 47.50 8.49 25.46
C THR A 800 46.13 7.98 25.85
N SER A 801 45.61 8.49 26.96
CA SER A 801 44.23 8.17 27.36
C SER A 801 43.59 9.23 28.26
N ALA A 802 42.28 9.11 28.44
CA ALA A 802 41.52 10.05 29.23
C ALA A 802 40.30 9.39 29.85
N THR A 803 39.99 9.74 31.08
CA THR A 803 38.73 9.28 31.64
C THR A 803 37.91 10.42 32.20
N ALA A 804 36.73 10.59 31.64
CA ALA A 804 35.86 11.65 32.07
C ALA A 804 34.57 11.11 32.65
N GLN A 805 34.24 11.55 33.85
CA GLN A 805 32.90 11.37 34.39
C GLN A 805 32.04 12.59 34.17
N VAL A 806 30.99 12.38 33.38
CA VAL A 806 30.13 13.49 32.99
C VAL A 806 28.70 13.37 33.51
N ASN A 807 28.08 14.52 33.66
CA ASN A 807 26.64 14.56 33.76
C ASN A 807 26.03 14.80 32.40
N ILE A 808 24.92 14.11 32.14
CA ILE A 808 24.16 14.30 30.92
C ILE A 808 22.90 15.13 31.25
N LEU A 809 22.90 16.39 30.82
CA LEU A 809 21.81 17.30 31.17
C LEU A 809 20.96 17.65 29.94
N ASN A 810 19.66 17.85 30.13
CA ASN A 810 18.84 18.46 29.09
C ASN A 810 19.05 19.97 29.15
N VAL A 811 18.46 20.70 28.22
CA VAL A 811 18.66 22.16 28.24
C VAL A 811 18.09 22.88 29.49
N THR A 812 17.17 22.23 30.21
CA THR A 812 16.66 22.80 31.45
C THR A 812 17.66 22.65 32.60
N GLY A 813 18.74 21.90 32.32
CA GLY A 813 19.75 21.60 33.32
C GLY A 813 19.48 20.33 34.13
N LYS A 814 18.29 19.74 33.96
CA LYS A 814 17.99 18.50 34.70
C LYS A 814 18.92 17.37 34.26
N LYS A 815 19.38 16.59 35.24
CA LYS A 815 20.31 15.48 34.97
C LYS A 815 19.55 14.32 34.34
N VAL A 816 19.86 13.99 33.09
CA VAL A 816 19.16 12.91 32.45
C VAL A 816 19.81 11.58 32.83
N GLY A 817 21.08 11.64 33.27
CA GLY A 817 21.82 10.42 33.61
C GLY A 817 23.30 10.67 33.85
N ASP A 818 24.02 9.60 34.21
CA ASP A 818 25.46 9.66 34.50
C ASP A 818 26.22 8.89 33.42
N ALA A 819 27.40 9.38 33.05
CA ALA A 819 28.22 8.68 32.07
C ALA A 819 29.72 8.76 32.34
N THR A 820 30.41 7.71 31.89
CA THR A 820 31.86 7.60 31.98
C THR A 820 32.35 7.41 30.58
N LEU A 821 33.19 8.34 30.17
CA LEU A 821 33.71 8.29 28.84
C LEU A 821 35.18 7.94 28.90
N GLU A 822 35.55 6.83 28.25
CA GLU A 822 36.92 6.34 28.30
C GLU A 822 37.60 6.32 26.94
N TYR A 823 38.60 7.17 26.78
CA TYR A 823 39.30 7.28 25.52
C TYR A 823 40.68 6.69 25.65
N THR A 824 41.00 5.77 24.75
CA THR A 824 42.23 5.03 24.85
C THR A 824 42.85 4.96 23.48
N LEU A 825 43.99 5.63 23.29
CA LEU A 825 44.71 5.57 22.00
C LEU A 825 45.52 4.26 21.98
N ASN A 826 45.27 3.38 20.99
CA ASN A 826 45.98 2.11 20.89
C ASN A 826 47.28 2.22 20.15
N HIS A 827 48.18 1.30 20.44
CA HIS A 827 49.52 1.35 19.88
C HIS A 827 49.40 1.35 18.35
N ASN A 828 48.26 0.85 17.90
CA ASN A 828 47.68 0.95 16.53
C ASN A 828 47.41 2.29 15.83
N GLY A 829 47.21 3.34 16.60
CA GLY A 829 46.73 4.57 16.02
C GLY A 829 45.21 4.60 16.01
N SER A 830 44.58 3.49 16.42
CA SER A 830 43.14 3.48 16.56
C SER A 830 42.77 4.00 17.93
N LEU A 831 41.61 4.63 18.05
CA LEU A 831 41.15 5.18 19.34
C LEU A 831 39.94 4.40 19.85
N LYS A 832 40.01 3.87 21.06
CA LYS A 832 38.91 3.13 21.61
C LYS A 832 38.10 4.09 22.39
N VAL A 833 36.78 4.02 22.25
CA VAL A 833 35.87 4.87 23.02
C VAL A 833 34.89 3.96 23.73
N GLN A 834 34.98 3.94 25.05
CA GLN A 834 34.14 3.07 25.79
C GLN A 834 33.32 3.97 26.70
N THR A 835 32.01 3.75 26.65
CA THR A 835 31.05 4.66 27.22
C THR A 835 30.16 3.88 28.15
N THR A 836 29.98 4.43 29.34
CA THR A 836 29.10 3.82 30.31
C THR A 836 28.08 4.85 30.66
N PHE A 837 26.82 4.49 30.51
CA PHE A 837 25.76 5.43 30.75
C PHE A 837 24.65 4.76 31.48
N GLN A 838 23.98 5.53 32.31
CA GLN A 838 22.81 5.11 33.04
C GLN A 838 21.90 6.31 33.19
N PRO A 839 20.67 6.20 32.66
CA PRO A 839 19.74 7.29 32.75
C PRO A 839 19.06 7.23 34.09
N ASP A 840 18.69 8.39 34.60
CA ASP A 840 17.96 8.48 35.85
C ASP A 840 16.51 8.03 35.68
N THR A 841 16.25 6.74 35.84
CA THR A 841 14.88 6.26 35.67
C THR A 841 13.89 6.72 36.77
N THR A 842 13.99 7.95 37.24
CA THR A 842 12.97 8.42 38.16
C THR A 842 12.08 9.31 37.33
N TRP A 843 12.61 9.75 36.19
CA TRP A 843 11.90 10.68 35.36
C TRP A 843 12.35 10.59 33.88
N VAL A 844 13.21 9.61 33.56
CA VAL A 844 13.48 9.28 32.17
C VAL A 844 12.82 7.95 31.96
N LYS A 845 11.76 7.96 31.18
CA LYS A 845 10.96 6.77 30.99
C LYS A 845 11.27 6.09 29.66
N SER A 846 12.01 6.76 28.79
CA SER A 846 12.25 6.21 27.46
C SER A 846 13.45 6.86 26.83
N ILE A 847 14.19 6.10 26.03
CA ILE A 847 15.19 6.70 25.16
C ILE A 847 15.08 6.05 23.78
N ALA A 848 15.47 6.79 22.74
CA ALA A 848 15.23 6.38 21.37
C ALA A 848 16.40 5.56 20.94
N ARG A 849 17.51 5.79 21.61
CA ARG A 849 18.72 5.09 21.25
C ARG A 849 19.84 5.29 22.27
N LEU A 850 20.90 4.51 22.12
CA LEU A 850 22.07 4.65 22.97
C LEU A 850 23.31 4.57 22.09
N GLY A 851 24.03 5.66 21.95
CA GLY A 851 25.10 5.61 21.02
C GLY A 851 25.83 6.91 21.03
N LEU A 852 26.77 7.05 20.10
CA LEU A 852 27.54 8.29 19.95
C LEU A 852 27.12 8.99 18.65
N THR A 853 27.28 10.31 18.61
CA THR A 853 26.95 11.04 17.38
C THR A 853 27.99 12.09 17.14
N PHE A 854 28.23 12.41 15.88
CA PHE A 854 29.21 13.44 15.51
C PHE A 854 29.08 13.76 14.03
N GLU A 855 29.62 14.91 13.66
CA GLU A 855 29.59 15.33 12.29
C GLU A 855 30.97 15.23 11.61
N ASN A 857 32.70 16.65 7.88
CA ASN A 857 32.61 17.45 6.68
C ASN A 857 32.06 16.57 5.53
N ASP A 858 31.23 17.15 4.65
CA ASP A 858 30.47 16.32 3.68
C ASP A 858 31.28 15.73 2.53
N THR A 859 32.58 16.00 2.50
CA THR A 859 33.42 15.29 1.56
C THR A 859 33.61 13.81 1.92
N TYR A 860 33.32 13.41 3.16
CA TYR A 860 33.50 12.03 3.55
C TYR A 860 32.28 11.18 3.16
N GLY A 861 31.85 11.28 1.91
CA GLY A 861 30.56 10.69 1.49
C GLY A 861 30.63 9.25 1.03
N ASN A 862 31.84 8.70 0.96
CA ASN A 862 31.96 7.31 0.59
C ASN A 862 31.79 6.46 1.83
N VAL A 863 30.60 5.87 1.97
CA VAL A 863 30.30 5.01 3.09
C VAL A 863 30.43 3.59 2.59
N THR A 864 31.14 2.75 3.34
CA THR A 864 31.22 1.29 3.10
C THR A 864 30.98 0.55 4.43
N TYR A 865 30.26 -0.56 4.39
CA TYR A 865 29.97 -1.25 5.63
C TYR A 865 29.72 -2.76 5.44
N LEU A 866 29.92 -3.52 6.51
CA LEU A 866 29.55 -4.92 6.48
C LEU A 866 28.37 -5.01 7.44
N GLY A 867 27.17 -5.31 6.94
CA GLY A 867 25.96 -5.18 7.75
C GLY A 867 24.77 -5.62 6.93
N ARG A 868 23.59 -5.54 7.52
CA ARG A 868 22.37 -5.87 6.79
C ARG A 868 22.06 -4.75 5.77
N GLY A 869 21.81 -5.10 4.51
CA GLY A 869 21.63 -4.07 3.44
C GLY A 869 20.96 -4.70 2.23
N GLU A 870 20.81 -3.99 1.11
CA GLU A 870 21.28 -2.62 0.94
C GLU A 870 20.39 -1.54 1.58
N HIS A 871 19.23 -1.93 2.14
CA HIS A 871 18.22 -0.93 2.54
C HIS A 871 18.02 -0.74 4.03
N GLU A 872 17.52 0.44 4.40
CA GLU A 872 17.02 0.79 5.74
C GLU A 872 16.31 -0.35 6.48
N THR A 873 16.85 -0.77 7.64
CA THR A 873 16.21 -1.77 8.51
C THR A 873 16.24 -1.29 9.97
N TYR A 874 15.29 -1.75 10.78
CA TYR A 874 15.24 -1.48 12.23
C TYR A 874 15.10 -2.80 12.99
N ILE A 875 15.43 -2.81 14.28
CA ILE A 875 15.47 -4.08 15.01
C ILE A 875 14.16 -4.86 14.94
N ASP A 876 13.03 -4.16 14.79
CA ASP A 876 11.71 -4.82 14.65
C ASP A 876 11.21 -4.79 13.22
N ARG A 877 12.14 -4.55 12.29
CA ARG A 877 11.85 -4.59 10.86
C ARG A 877 13.15 -4.87 10.15
N ASN A 878 13.65 -6.08 10.29
CA ASN A 878 14.95 -6.42 9.69
C ASN A 878 15.11 -7.88 9.35
N GLN A 879 13.99 -8.57 9.11
CA GLN A 879 14.04 -9.89 8.50
C GLN A 879 14.54 -9.82 7.07
N SER A 880 14.44 -8.65 6.45
CA SER A 880 14.73 -8.49 5.04
C SER A 880 16.18 -8.04 4.85
N GLY A 881 16.67 -7.98 3.61
CA GLY A 881 18.07 -7.65 3.47
C GLY A 881 19.00 -8.84 3.73
N LYS A 882 20.28 -8.62 3.52
CA LYS A 882 21.31 -9.65 3.68
C LYS A 882 22.54 -8.93 4.23
N ILE A 883 23.16 -9.53 5.25
CA ILE A 883 24.47 -9.07 5.66
C ILE A 883 25.47 -9.22 4.51
N GLY A 884 26.26 -8.17 4.22
CA GLY A 884 27.29 -8.24 3.18
C GLY A 884 28.08 -6.96 3.17
N ILE A 885 29.00 -6.83 2.22
CA ILE A 885 29.76 -5.60 2.08
C ILE A 885 29.04 -4.71 1.10
N TYR A 886 28.72 -3.48 1.50
CA TYR A 886 27.91 -2.59 0.66
C TYR A 886 28.57 -1.20 0.50
N THR A 887 28.46 -0.63 -0.71
CA THR A 887 28.91 0.73 -0.93
C THR A 887 27.73 1.67 -1.14
N THR A 888 27.80 2.87 -0.58
CA THR A 888 26.69 3.79 -0.65
C THR A 888 27.08 5.19 -0.19
N THR A 889 26.14 6.13 -0.16
CA THR A 889 26.52 7.50 0.24
C THR A 889 25.43 8.01 1.15
N PRO A 890 25.73 9.04 1.95
CA PRO A 890 24.72 9.60 2.81
C PRO A 890 23.54 10.14 2.01
N GLU A 891 23.78 10.58 0.79
CA GLU A 891 22.67 11.13 0.00
C GLU A 891 21.74 10.01 -0.38
N LYS A 892 22.34 8.85 -0.65
CA LYS A 892 21.54 7.71 -1.08
C LYS A 892 20.84 7.05 0.09
N PHE A 894 19.45 8.57 2.76
CA PHE A 894 18.31 9.34 3.20
C PHE A 894 17.10 9.05 2.36
N HIS A 895 16.03 8.56 3.01
CA HIS A 895 14.79 8.26 2.31
C HIS A 895 13.79 9.39 2.47
N TYR A 896 13.16 9.79 1.36
CA TYR A 896 12.25 10.94 1.43
C TYR A 896 10.81 10.57 1.81
N TYR A 897 10.64 10.30 3.10
CA TYR A 897 9.35 10.09 3.71
C TYR A 897 8.66 11.41 3.59
N VAL A 898 7.32 11.39 3.53
CA VAL A 898 6.58 12.61 3.28
C VAL A 898 6.89 13.74 4.26
N ILE A 899 6.83 13.48 5.56
CA ILE A 899 7.41 14.39 6.54
C ILE A 899 8.77 13.83 6.84
N PRO A 900 9.80 14.69 6.82
CA PRO A 900 11.12 14.14 7.09
C PRO A 900 11.22 13.64 8.53
N GLN A 901 11.77 12.43 8.67
CA GLN A 901 11.88 11.79 9.95
C GLN A 901 13.15 10.96 9.93
N SER A 902 13.38 10.19 11.00
CA SER A 902 14.53 9.36 11.03
C SER A 902 14.46 8.40 9.84
N THR A 903 15.64 8.13 9.29
CA THR A 903 15.77 7.30 8.13
C THR A 903 17.23 6.88 8.06
N GLY A 904 17.52 5.85 7.27
CA GLY A 904 18.90 5.54 6.91
C GLY A 904 19.60 4.55 7.83
N ASN A 905 18.87 4.01 8.78
CA ASN A 905 19.48 3.06 9.67
C ASN A 905 19.96 1.79 8.99
N ARG A 906 21.14 1.35 9.38
CA ARG A 906 21.56 0.00 9.06
C ARG A 906 21.65 -0.86 10.35
N THR A 907 21.19 -2.10 10.31
CA THR A 907 21.29 -2.98 11.48
C THR A 907 22.25 -4.14 11.25
N ASP A 908 22.56 -4.84 12.36
CA ASP A 908 23.44 -6.00 12.35
C ASP A 908 24.78 -5.62 11.71
N VAL A 909 25.33 -4.48 12.12
CA VAL A 909 26.52 -3.96 11.46
C VAL A 909 27.81 -4.48 12.12
N ARG A 910 28.74 -5.08 11.36
CA ARG A 910 30.03 -5.45 11.94
C ARG A 910 30.99 -4.31 11.95
N TRP A 911 31.09 -3.60 10.83
CA TRP A 911 31.98 -2.43 10.74
C TRP A 911 31.49 -1.45 9.67
N VAL A 912 31.88 -0.18 9.80
CA VAL A 912 31.51 0.86 8.86
C VAL A 912 32.68 1.80 8.58
N LYS A 913 32.83 2.18 7.30
CA LYS A 913 33.87 3.14 6.87
C LYS A 913 33.30 4.40 6.26
N LEU A 914 33.87 5.55 6.61
CA LEU A 914 33.52 6.82 5.95
C LEU A 914 34.79 7.47 5.41
N ALA A 915 34.82 7.71 4.10
CA ALA A 915 36.06 8.19 3.46
C ALA A 915 35.75 9.22 2.38
N ASP A 916 36.72 10.09 2.09
CA ASP A 916 36.57 10.97 0.94
C ASP A 916 37.03 10.18 -0.26
N ASP A 917 36.95 10.76 -1.46
CA ASP A 917 37.41 10.04 -2.66
C ASP A 917 38.92 9.85 -2.64
N SER A 918 39.61 10.74 -1.96
CA SER A 918 41.05 10.62 -1.82
C SER A 918 41.42 9.37 -1.01
N GLY A 919 40.49 8.83 -0.23
CA GLY A 919 40.71 7.57 0.52
C GLY A 919 40.83 7.84 2.02
N LYS A 920 41.05 9.10 2.38
CA LYS A 920 41.06 9.56 3.77
C LYS A 920 39.73 9.28 4.50
N GLY A 921 39.79 8.88 5.77
CA GLY A 921 38.58 8.65 6.58
C GLY A 921 38.81 7.85 7.86
N CYS A 922 37.88 6.96 8.18
CA CYS A 922 38.06 6.05 9.32
C CYS A 922 37.17 4.80 9.18
N TRP A 923 37.63 3.70 9.77
CA TRP A 923 36.99 2.38 9.74
C TRP A 923 36.62 2.15 11.18
N ILE A 924 35.37 1.81 11.43
CA ILE A 924 34.87 1.80 12.79
C ILE A 924 34.26 0.45 13.10
N GLU A 925 34.62 -0.12 14.23
CA GLU A 925 34.09 -1.43 14.62
C GLU A 925 33.62 -1.37 16.05
N SER A 926 32.90 -2.39 16.46
CA SER A 926 32.47 -2.44 17.84
C SER A 926 32.87 -3.78 18.47
N ASP A 927 32.26 -4.14 19.58
CA ASP A 927 32.53 -5.45 20.14
C ASP A 927 31.38 -6.42 19.86
N SER A 928 30.28 -5.90 19.35
CA SER A 928 29.25 -6.74 18.73
C SER A 928 28.56 -5.96 17.61
N PRO A 929 27.65 -6.61 16.88
CA PRO A 929 26.85 -5.92 15.88
C PRO A 929 26.21 -4.65 16.44
N PHE A 930 26.38 -3.56 15.70
CA PHE A 930 25.75 -2.32 16.10
C PHE A 930 24.86 -1.79 14.98
N GLN A 931 24.35 -0.58 15.21
CA GLN A 931 23.59 0.12 14.20
C GLN A 931 24.22 1.49 13.89
N PHE A 932 24.07 1.93 12.65
CA PHE A 932 24.58 3.26 12.29
C PHE A 932 23.73 3.94 11.21
N SER A 933 23.88 5.25 11.12
CA SER A 933 23.37 5.96 9.98
C SER A 933 24.31 7.13 9.75
N ALA A 934 24.18 7.75 8.58
CA ALA A 934 25.02 8.85 8.16
C ALA A 934 24.25 9.62 7.10
N LEU A 935 23.81 10.83 7.45
CA LEU A 935 22.78 11.55 6.69
C LEU A 935 23.27 12.96 6.36
N PRO A 936 22.66 13.58 5.32
CA PRO A 936 23.05 14.89 4.82
C PRO A 936 22.56 16.04 5.68
N PHE A 937 21.65 15.76 6.59
CA PHE A 937 21.00 16.83 7.32
C PHE A 937 21.13 16.60 8.79
N SER A 938 21.21 17.66 9.58
CA SER A 938 21.46 17.50 10.99
C SER A 938 20.22 16.98 11.71
N ASP A 939 20.29 16.69 13.00
CA ASP A 939 19.09 16.18 13.64
C ASP A 939 18.15 17.33 13.97
N LEU A 940 18.70 18.47 14.42
CA LEU A 940 17.84 19.58 14.71
C LEU A 940 16.98 19.88 13.48
N LEU A 941 17.66 20.06 12.33
CA LEU A 941 16.97 20.41 11.09
C LEU A 941 15.94 19.39 10.62
N LEU A 942 16.29 18.11 10.75
CA LEU A 942 15.44 17.02 10.37
C LEU A 942 14.24 16.94 11.27
N GLU A 943 14.41 17.15 12.57
CA GLU A 943 13.26 17.14 13.45
C GLU A 943 12.31 18.32 13.12
N LYS A 944 12.89 19.44 12.74
CA LYS A 944 12.17 20.70 12.59
C LYS A 944 11.41 20.74 11.26
N ALA A 945 11.98 20.18 10.20
CA ALA A 945 11.40 20.19 8.87
C ALA A 945 10.02 19.58 8.86
N LEU A 946 9.04 20.18 8.20
CA LEU A 946 7.72 19.55 8.11
C LEU A 946 7.45 19.09 6.70
N HIS A 947 8.28 19.53 5.77
CA HIS A 947 8.08 19.18 4.37
C HIS A 947 9.42 18.99 3.81
N ILE A 948 9.51 18.15 2.80
CA ILE A 948 10.82 17.79 2.30
C ILE A 948 11.70 19.00 1.89
N ASN A 949 11.12 20.01 1.25
CA ASN A 949 11.91 21.10 0.75
C ASN A 949 12.46 22.01 1.85
N ASP A 950 12.05 21.76 3.09
CA ASP A 950 12.59 22.53 4.23
C ASP A 950 14.02 22.15 4.56
N LEU A 951 14.45 21.00 4.03
CA LEU A 951 15.75 20.44 4.39
C LEU A 951 16.84 21.21 3.70
N GLU A 952 17.81 21.62 4.51
CA GLU A 952 18.98 22.25 3.96
C GLU A 952 20.25 21.55 4.44
N ARG A 953 21.27 21.57 3.60
CA ARG A 953 22.56 20.99 3.95
C ARG A 953 23.43 22.07 4.58
N ASN A 954 24.32 21.68 5.47
CA ASN A 954 25.13 22.64 6.19
C ASN A 954 26.61 22.38 5.95
N GLY A 955 26.94 21.59 4.93
CA GLY A 955 28.33 21.28 4.67
C GLY A 955 28.83 20.03 5.40
N ARG A 956 28.01 19.46 6.27
CA ARG A 956 28.46 18.28 7.04
C ARG A 956 27.47 17.13 6.99
N ILE A 957 27.99 15.91 7.20
CA ILE A 957 27.10 14.77 7.40
C ILE A 957 26.99 14.45 8.90
N THR A 958 25.85 13.93 9.33
CA THR A 958 25.69 13.49 10.69
C THR A 958 25.80 11.99 10.75
N VAL A 959 26.77 11.51 11.53
CA VAL A 959 26.96 10.09 11.73
C VAL A 959 26.41 9.70 13.08
N HIS A 960 25.72 8.57 13.11
CA HIS A 960 25.22 8.04 14.38
C HIS A 960 25.81 6.65 14.55
N LEU A 961 26.46 6.38 15.68
CA LEU A 961 26.86 4.99 15.97
C LEU A 961 26.07 4.54 17.16
N ASP A 962 25.18 3.57 16.95
CA ASP A 962 24.29 3.11 18.03
C ASP A 962 24.57 1.71 18.53
N ALA A 963 24.73 1.59 19.84
CA ALA A 963 24.77 0.29 20.48
C ALA A 963 23.35 -0.21 20.53
N LYS A 964 22.43 0.72 20.74
CA LYS A 964 21.01 0.41 20.74
C LYS A 964 20.17 1.52 20.11
N GLN A 965 19.14 1.13 19.34
CA GLN A 965 18.07 2.05 18.87
C GLN A 965 16.72 1.34 18.83
N ALA A 966 15.65 2.06 19.13
CA ALA A 966 14.34 1.40 19.16
C ALA A 966 13.88 0.89 17.80
N GLY A 967 12.97 -0.05 17.84
CA GLY A 967 12.22 -0.41 16.64
C GLY A 967 11.32 0.76 16.27
N VAL A 968 10.52 0.58 15.22
CA VAL A 968 9.69 1.68 14.72
C VAL A 968 8.21 1.38 14.94
N GLY A 969 7.85 0.11 15.04
CA GLY A 969 6.48 -0.26 15.39
C GLY A 969 5.48 0.28 14.39
N THR A 970 4.24 0.48 14.81
CA THR A 970 3.19 0.99 13.92
C THR A 970 2.17 1.86 14.65
N ALA A 971 2.64 2.76 15.52
CA ALA A 971 1.72 3.37 16.46
C ALA A 971 0.81 4.42 15.82
N THR A 972 1.15 4.91 14.64
CA THR A 972 0.33 5.90 14.01
C THR A 972 -1.11 5.39 14.00
N CYS A 973 -1.27 4.08 13.92
CA CYS A 973 -2.58 3.45 14.14
C CYS A 973 -2.39 1.97 14.49
N GLY A 974 -2.77 1.55 15.69
CA GLY A 974 -2.48 0.18 16.13
C GLY A 974 -1.27 0.04 17.06
N PRO A 975 -0.66 -1.15 17.11
CA PRO A 975 0.45 -1.42 18.07
C PRO A 975 1.70 -0.55 17.90
N GLY A 976 2.20 -0.02 19.01
CA GLY A 976 3.50 0.65 19.06
C GLY A 976 4.63 -0.38 19.10
N VAL A 977 5.87 0.08 19.20
CA VAL A 977 7.01 -0.83 19.27
C VAL A 977 6.78 -1.89 20.33
N LEU A 978 6.92 -3.15 19.94
CA LEU A 978 6.79 -4.27 20.87
C LEU A 978 7.93 -4.28 21.90
N PRO A 979 7.69 -4.88 23.09
CA PRO A 979 8.66 -4.79 24.22
C PRO A 979 10.07 -5.32 23.96
N PRO A 980 10.24 -6.35 23.12
CA PRO A 980 11.62 -6.76 22.94
C PRO A 980 12.43 -5.72 22.19
N TYR A 981 11.77 -4.63 21.78
CA TYR A 981 12.40 -3.71 20.85
C TYR A 981 12.60 -2.36 21.44
N LEU A 982 12.18 -2.17 22.69
CA LEU A 982 12.41 -0.93 23.41
C LEU A 982 13.87 -0.80 23.89
N VAL A 983 14.31 0.42 24.14
CA VAL A 983 15.72 0.60 24.51
C VAL A 983 15.86 0.52 26.01
N PRO A 984 16.70 -0.43 26.46
CA PRO A 984 16.85 -0.72 27.90
C PRO A 984 17.31 0.48 28.68
N LEU A 985 16.78 0.64 29.89
CA LEU A 985 17.20 1.78 30.72
C LEU A 985 18.17 1.43 31.85
N GLY A 986 18.71 0.23 31.84
CA GLY A 986 19.72 -0.12 32.83
C GLY A 986 21.05 0.53 32.54
N LYS A 987 21.94 0.54 33.52
CA LYS A 987 23.31 0.92 33.25
C LYS A 987 23.81 0.07 32.12
N GLN A 988 24.47 0.70 31.15
CA GLN A 988 25.00 0.00 29.99
C GLN A 988 26.37 0.51 29.56
N THR A 989 27.15 -0.37 28.94
CA THR A 989 28.49 -0.01 28.51
C THR A 989 28.67 -0.48 27.07
N PHE A 990 29.12 0.39 26.22
CA PHE A 990 29.32 -0.01 24.81
C PHE A 990 30.57 0.66 24.32
N THR A 991 31.22 0.09 23.33
CA THR A 991 32.49 0.64 22.96
C THR A 991 32.61 0.72 21.42
N PHE A 992 33.27 1.76 20.89
CA PHE A 992 33.51 1.84 19.44
C PHE A 992 34.96 2.09 19.22
N THR A 993 35.54 1.46 18.20
CA THR A 993 36.93 1.75 17.92
C THR A 993 37.15 2.40 16.53
N ILE A 994 37.66 3.62 16.55
CA ILE A 994 37.90 4.38 15.34
C ILE A 994 39.34 4.23 14.81
N TYR A 995 39.49 3.72 13.59
CA TYR A 995 40.77 3.58 12.93
C TYR A 995 40.93 4.57 11.79
N PRO A 996 41.67 5.66 12.00
CA PRO A 996 41.95 6.62 10.91
C PRO A 996 42.53 5.92 9.70
N VAL A 997 42.16 6.31 8.48
CA VAL A 997 42.79 5.71 7.30
C VAL A 997 43.26 6.70 6.21
N LYS A 998 44.14 6.27 5.29
CA LYS A 998 44.72 7.17 4.27
C LYS A 998 44.79 6.44 2.95
#